data_7FUG
#
_entry.id   7FUG
#
_cell.length_a   42.350
_cell.length_b   156.610
_cell.length_c   58.390
_cell.angle_alpha   90.000
_cell.angle_beta   93.480
_cell.angle_gamma   90.000
#
_symmetry.space_group_name_H-M   'P 1 21 1'
#
loop_
_entity.id
_entity.type
_entity.pdbx_description
1 polymer 'Cyclic GMP-AMP synthase'
2 non-polymer 'ZINC ION'
3 non-polymer (8S)-5-benzyl-2-({[(5P)-2-chloro-5-(1-methyl-1H-pyrazol-3-yl)phenyl]methyl}amino)[1,2,4]triazolo[1,5-a]pyrimidin-7(4H)-one
4 water water
#
_entity_poly.entity_id   1
_entity_poly.type   'polypeptide(L)'
_entity_poly.pdbx_seq_one_letter_code
;GASKLRAVLEKLKLSRDDISTAAGMVKGVVDHLLLRLKCDSAFRGVGLLNTGSYYEHVKISAPNEFDVMFKLEVPRIQLE
EYSNTRAYYFVKFKRNPKENPLSQFLEGEILSASKMLSKFRKIIKEEINDIKDTDVIMKRKRGGSPAVTLLISEKISVDI
TLALESKSSWPASTQEGLRIQNWLSAKVRKQLRLKPFYLVPKHAKEGNGFQEETWRLSFSHIEKEILNNHGKSKTCCENK
EEKCCRKDCLKLMKYLLEQLKERFKDKKHLDKFSSYHVKTAFFHVCTQNPQDSQWDRKDLGLCFDNCVTYFLQCLRTEKL
ENYFIPEFNLFSSNLIDKRSKEFLTKQIEYERNNEFPVFDEF
;
_entity_poly.pdbx_strand_id   A,B
#
loop_
_chem_comp.id
_chem_comp.type
_chem_comp.name
_chem_comp.formula
YP8 non-polymer (8S)-5-benzyl-2-({[(5P)-2-chloro-5-(1-methyl-1H-pyrazol-3-yl)phenyl]methyl}amino)[1,2,4]triazolo[1,5-a]pyrimidin-7(4H)-one 'C23 H20 Cl N7 O'
ZN non-polymer 'ZINC ION' 'Zn 2'
#
# COMPACT_ATOMS: atom_id res chain seq x y z
N GLY A 1 -36.14 -10.63 -0.97
CA GLY A 1 -34.73 -10.86 -1.25
C GLY A 1 -33.97 -9.58 -1.54
N ALA A 2 -33.41 -9.47 -2.74
CA ALA A 2 -32.51 -8.36 -3.03
C ALA A 2 -33.22 -7.01 -2.91
N SER A 3 -34.47 -6.93 -3.35
CA SER A 3 -35.13 -5.63 -3.35
C SER A 3 -35.52 -5.20 -1.94
N LYS A 4 -36.10 -6.11 -1.16
CA LYS A 4 -36.39 -5.83 0.23
C LYS A 4 -35.14 -5.41 0.99
N LEU A 5 -34.02 -6.09 0.75
CA LEU A 5 -32.79 -5.74 1.43
C LEU A 5 -32.29 -4.36 1.03
N ARG A 6 -32.40 -4.01 -0.26
CA ARG A 6 -31.93 -2.69 -0.63
C ARG A 6 -32.77 -1.60 0.03
N ALA A 7 -34.06 -1.90 0.24
CA ALA A 7 -34.90 -0.91 0.91
C ALA A 7 -34.51 -0.75 2.38
N VAL A 8 -34.19 -1.87 3.05
CA VAL A 8 -33.67 -1.76 4.42
C VAL A 8 -32.46 -0.84 4.44
N LEU A 9 -31.57 -0.99 3.45
CA LEU A 9 -30.32 -0.24 3.44
C LEU A 9 -30.55 1.25 3.19
N GLU A 10 -31.51 1.59 2.32
CA GLU A 10 -31.86 2.99 2.09
C GLU A 10 -32.44 3.64 3.35
N LYS A 11 -33.30 2.89 4.07
CA LYS A 11 -33.81 3.32 5.37
C LYS A 11 -32.65 3.63 6.33
N LEU A 12 -31.66 2.73 6.38
CA LEU A 12 -30.51 2.96 7.26
C LEU A 12 -29.76 4.23 6.86
N LYS A 13 -29.68 4.50 5.55
CA LYS A 13 -29.03 5.74 5.09
C LYS A 13 -29.78 6.98 5.56
N LEU A 14 -31.12 6.97 5.47
CA LEU A 14 -31.88 8.13 5.96
C LEU A 14 -31.73 8.30 7.47
N SER A 15 -31.64 7.19 8.21
CA SER A 15 -31.43 7.31 9.66
C SER A 15 -30.07 7.95 9.98
N ARG A 16 -29.00 7.47 9.32
CA ARG A 16 -27.64 7.87 9.69
C ARG A 16 -27.39 9.36 9.45
N ASP A 17 -27.95 9.91 8.39
CA ASP A 17 -27.74 11.33 8.11
C ASP A 17 -28.70 12.20 8.92
N ASP A 18 -28.76 11.99 10.24
CA ASP A 18 -29.58 12.79 11.15
C ASP A 18 -28.65 13.86 11.72
N ILE A 19 -28.96 15.14 11.45
CA ILE A 19 -27.96 16.09 10.99
C ILE A 19 -26.60 15.71 11.55
N SER A 20 -25.63 15.50 10.66
CA SER A 20 -24.35 14.98 11.14
C SER A 20 -23.53 16.13 11.69
N THR A 21 -24.17 16.94 12.51
CA THR A 21 -23.47 17.85 13.39
C THR A 21 -23.05 17.13 14.66
N ALA A 22 -23.63 15.96 14.93
CA ALA A 22 -23.13 15.11 16.01
C ALA A 22 -21.67 14.76 15.77
N ALA A 23 -21.30 14.49 14.51
CA ALA A 23 -19.91 14.21 14.21
C ALA A 23 -19.01 15.39 14.56
N GLY A 24 -19.44 16.61 14.23
CA GLY A 24 -18.61 17.77 14.52
C GLY A 24 -18.49 18.05 16.00
N MET A 25 -19.59 17.85 16.75
CA MET A 25 -19.54 18.03 18.19
C MET A 25 -18.62 17.00 18.85
N VAL A 26 -18.71 15.73 18.46
CA VAL A 26 -17.81 14.77 19.10
C VAL A 26 -16.36 15.04 18.68
N LYS A 27 -16.15 15.49 17.44
CA LYS A 27 -14.80 15.88 17.04
C LYS A 27 -14.26 16.96 17.98
N GLY A 28 -15.07 17.99 18.24
CA GLY A 28 -14.61 19.07 19.11
C GLY A 28 -14.35 18.60 20.53
N VAL A 29 -15.27 17.81 21.08
CA VAL A 29 -15.11 17.33 22.44
C VAL A 29 -13.86 16.48 22.57
N VAL A 30 -13.58 15.64 21.56
CA VAL A 30 -12.41 14.77 21.63
C VAL A 30 -11.13 15.58 21.45
N ASP A 31 -11.14 16.57 20.55
CA ASP A 31 -9.96 17.41 20.35
C ASP A 31 -9.62 18.20 21.61
N HIS A 32 -10.64 18.65 22.36
CA HIS A 32 -10.40 19.29 23.66
C HIS A 32 -9.83 18.31 24.69
N LEU A 33 -10.44 17.13 24.80
CA LEU A 33 -9.94 16.15 25.76
C LEU A 33 -8.49 15.78 25.46
N LEU A 34 -8.16 15.59 24.17
CA LEU A 34 -6.78 15.32 23.80
C LEU A 34 -5.89 16.51 24.11
N LEU A 35 -6.40 17.72 23.88
CA LEU A 35 -5.62 18.92 24.15
C LEU A 35 -5.19 18.96 25.62
N ARG A 36 -6.11 18.60 26.53
CA ARG A 36 -5.77 18.60 27.95
C ARG A 36 -4.89 17.41 28.33
N LEU A 37 -5.16 16.25 27.75
CA LEU A 37 -4.47 15.03 28.16
C LEU A 37 -2.98 15.06 27.80
N LYS A 38 -2.64 15.61 26.63
CA LYS A 38 -1.24 15.73 26.22
C LYS A 38 -0.41 16.63 27.13
N CYS A 39 -1.05 17.40 28.04
CA CYS A 39 -0.28 18.19 29.01
C CYS A 39 0.29 17.32 30.12
N ASP A 40 -0.52 16.41 30.66
CA ASP A 40 -0.12 15.54 31.77
C ASP A 40 1.06 14.66 31.38
N SER A 41 1.87 14.31 32.39
CA SER A 41 3.12 13.59 32.15
C SER A 41 2.86 12.12 31.81
N ALA A 42 1.92 11.47 32.51
CA ALA A 42 1.62 10.06 32.25
C ALA A 42 1.00 9.84 30.87
N PHE A 43 0.51 10.90 30.23
CA PHE A 43 -0.24 10.80 29.00
C PHE A 43 0.35 11.68 27.90
N ARG A 44 1.69 11.72 27.83
CA ARG A 44 2.32 12.68 26.92
C ARG A 44 2.06 12.30 25.48
N GLY A 45 2.12 11.01 25.16
CA GLY A 45 2.07 10.61 23.77
C GLY A 45 0.73 10.08 23.34
N VAL A 46 -0.34 10.62 23.90
CA VAL A 46 -1.68 10.10 23.61
C VAL A 46 -2.16 10.70 22.29
N GLY A 47 -2.94 9.93 21.52
CA GLY A 47 -3.47 10.43 20.26
C GLY A 47 -4.77 9.76 19.90
N LEU A 48 -5.38 10.21 18.79
CA LEU A 48 -6.45 9.46 18.14
C LEU A 48 -5.89 8.25 17.41
N LEU A 49 -6.62 7.15 17.49
CA LEU A 49 -6.26 5.97 16.70
C LEU A 49 -6.39 6.25 15.20
N ASN A 50 -7.55 6.77 14.75
CA ASN A 50 -7.73 7.13 13.34
C ASN A 50 -7.98 8.63 13.17
N GLU A 56 -16.48 7.32 13.90
CA GLU A 56 -16.52 5.87 13.95
C GLU A 56 -17.73 5.30 14.72
N HIS A 57 -18.71 4.71 13.99
CA HIS A 57 -19.97 4.29 14.60
C HIS A 57 -19.93 2.90 15.18
N VAL A 58 -20.59 2.72 16.32
CA VAL A 58 -20.73 1.40 16.94
C VAL A 58 -22.10 0.79 16.65
N LYS A 59 -23.10 1.62 16.36
CA LYS A 59 -24.44 1.12 16.04
C LYS A 59 -24.90 1.79 14.76
N ILE A 60 -25.51 0.99 13.87
CA ILE A 60 -26.16 1.49 12.67
C ILE A 60 -27.57 1.99 12.97
N SER A 61 -28.32 1.26 13.82
CA SER A 61 -29.65 1.72 14.21
C SER A 61 -29.61 2.94 15.13
N ALA A 62 -28.49 3.16 15.84
CA ALA A 62 -28.29 4.30 16.73
C ALA A 62 -27.17 5.19 16.21
N PRO A 63 -27.48 6.16 15.33
CA PRO A 63 -26.45 7.06 14.81
C PRO A 63 -25.94 8.06 15.83
N ASN A 64 -26.48 8.02 17.04
CA ASN A 64 -26.06 8.91 18.09
C ASN A 64 -25.01 8.28 19.00
N GLU A 65 -24.77 6.96 18.86
CA GLU A 65 -23.77 6.27 19.67
C GLU A 65 -22.49 6.13 18.84
N PHE A 66 -21.47 6.86 19.28
CA PHE A 66 -20.17 6.96 18.63
C PHE A 66 -19.13 6.24 19.47
N ASP A 67 -17.98 5.96 18.84
CA ASP A 67 -16.91 5.23 19.49
C ASP A 67 -15.57 5.78 19.02
N VAL A 68 -14.70 6.13 19.96
CA VAL A 68 -13.40 6.71 19.63
C VAL A 68 -12.35 6.05 20.52
N MET A 69 -11.16 5.85 19.98
CA MET A 69 -10.08 5.17 20.67
C MET A 69 -8.87 6.10 20.77
N PHE A 70 -8.25 6.12 21.96
CA PHE A 70 -7.04 6.89 22.23
C PHE A 70 -5.89 5.91 22.32
N LYS A 71 -4.88 6.10 21.49
CA LYS A 71 -3.67 5.30 21.59
C LYS A 71 -2.65 5.99 22.48
N LEU A 72 -1.79 5.19 23.11
CA LEU A 72 -0.70 5.69 23.94
C LEU A 72 0.50 4.76 23.68
N GLU A 73 1.47 5.27 22.92
CA GLU A 73 2.60 4.44 22.51
C GLU A 73 3.43 4.03 23.73
N VAL A 74 3.86 2.77 23.77
CA VAL A 74 4.72 2.27 24.84
C VAL A 74 5.88 1.45 24.25
N PRO A 75 7.06 2.05 24.09
CA PRO A 75 8.19 1.30 23.53
C PRO A 75 8.81 0.36 24.55
N ARG A 76 9.64 -0.57 24.04
CA ARG A 76 10.36 -1.53 24.89
C ARG A 76 9.38 -2.26 25.81
N ILE A 77 8.26 -2.69 25.26
CA ILE A 77 7.19 -3.32 26.02
C ILE A 77 7.41 -4.82 26.04
N GLN A 78 7.19 -5.45 27.20
CA GLN A 78 7.44 -6.89 27.36
C GLN A 78 6.12 -7.58 27.64
N LEU A 79 5.62 -8.38 26.69
CA LEU A 79 4.32 -9.03 26.84
C LEU A 79 4.48 -10.44 27.41
N GLU A 80 3.67 -10.77 28.40
CA GLU A 80 3.69 -12.09 29.03
C GLU A 80 2.29 -12.69 28.94
N GLU A 81 2.15 -13.80 28.21
CA GLU A 81 0.84 -14.41 28.01
C GLU A 81 0.24 -14.87 29.34
N TYR A 82 -1.08 -14.74 29.46
CA TYR A 82 -1.78 -15.20 30.67
C TYR A 82 -2.34 -16.59 30.43
N SER A 83 -1.92 -17.54 31.27
CA SER A 83 -2.54 -18.85 31.44
C SER A 83 -3.11 -19.48 30.16
N ASN A 84 -2.32 -19.48 29.08
CA ASN A 84 -2.67 -20.18 27.85
C ASN A 84 -3.91 -19.59 27.17
N THR A 85 -4.23 -18.35 27.48
CA THR A 85 -5.45 -17.76 26.93
C THR A 85 -5.28 -17.36 25.48
N ARG A 86 -4.04 -17.09 25.04
CA ARG A 86 -3.68 -16.66 23.70
C ARG A 86 -4.11 -15.23 23.41
N ALA A 87 -4.97 -14.68 24.26
CA ALA A 87 -5.56 -13.39 23.99
C ALA A 87 -5.22 -12.32 25.02
N TYR A 88 -4.91 -12.71 26.25
CA TYR A 88 -4.64 -11.79 27.34
C TYR A 88 -3.18 -11.80 27.70
N TYR A 89 -2.66 -10.64 28.09
CA TYR A 89 -1.26 -10.52 28.40
C TYR A 89 -1.07 -9.60 29.61
N PHE A 90 0.09 -9.73 30.25
CA PHE A 90 0.61 -8.73 31.17
C PHE A 90 1.62 -7.86 30.43
N VAL A 91 1.65 -6.57 30.77
CA VAL A 91 2.60 -5.60 30.22
C VAL A 91 3.72 -5.36 31.24
N LYS A 92 4.98 -5.52 30.82
CA LYS A 92 6.16 -5.36 31.67
C LYS A 92 7.21 -4.50 30.97
N PHE A 93 8.29 -4.19 31.69
CA PHE A 93 9.35 -3.30 31.22
C PHE A 93 10.73 -3.86 31.58
N LYS A 94 11.76 -3.32 30.92
CA LYS A 94 13.15 -3.74 31.15
C LYS A 94 13.73 -3.26 32.48
N GLU A 99 13.75 4.30 35.86
CA GLU A 99 12.93 5.40 35.35
C GLU A 99 12.01 4.90 34.26
N ASN A 100 10.85 5.55 34.14
CA ASN A 100 9.79 5.23 33.19
C ASN A 100 8.77 6.37 33.23
N PRO A 101 8.14 6.75 32.10
CA PRO A 101 7.09 7.78 32.18
C PRO A 101 5.83 7.24 32.84
N LEU A 102 5.52 5.97 32.60
CA LEU A 102 4.36 5.29 33.15
C LEU A 102 4.69 4.57 34.46
N SER A 103 5.74 5.01 35.16
CA SER A 103 6.08 4.40 36.45
C SER A 103 4.96 4.58 37.46
N GLN A 104 4.04 5.52 37.23
CA GLN A 104 2.97 5.73 38.19
C GLN A 104 2.03 4.53 38.25
N PHE A 105 1.86 3.83 37.12
CA PHE A 105 0.92 2.73 37.03
C PHE A 105 1.54 1.37 37.28
N LEU A 106 2.84 1.31 37.57
CA LEU A 106 3.50 0.03 37.75
C LEU A 106 3.05 -0.59 39.07
N GLU A 107 2.82 -1.91 39.05
CA GLU A 107 2.59 -2.71 40.25
C GLU A 107 3.51 -3.93 40.14
N GLY A 108 4.70 -3.80 40.71
CA GLY A 108 5.74 -4.81 40.59
C GLY A 108 6.53 -4.64 39.30
N GLU A 109 6.37 -5.56 38.37
CA GLU A 109 6.78 -5.35 37.00
C GLU A 109 5.58 -5.18 36.08
N ILE A 110 4.39 -5.59 36.54
CA ILE A 110 3.18 -5.54 35.72
C ILE A 110 2.62 -4.13 35.73
N LEU A 111 2.14 -3.70 34.56
CA LEU A 111 1.51 -2.40 34.39
C LEU A 111 0.02 -2.53 34.66
N SER A 112 -0.46 -1.77 35.65
CA SER A 112 -1.85 -1.84 36.08
C SER A 112 -2.75 -1.10 35.11
N ALA A 113 -3.63 -1.84 34.44
CA ALA A 113 -4.70 -1.20 33.69
C ALA A 113 -5.54 -0.31 34.60
N SER A 114 -5.77 -0.75 35.84
CA SER A 114 -6.79 -0.11 36.68
C SER A 114 -6.35 1.27 37.14
N LYS A 115 -5.14 1.38 37.70
CA LYS A 115 -4.59 2.69 38.02
C LYS A 115 -4.59 3.62 36.80
N MET A 116 -4.20 3.10 35.63
CA MET A 116 -4.13 3.91 34.42
C MET A 116 -5.51 4.44 34.04
N LEU A 117 -6.49 3.54 33.95
CA LEU A 117 -7.87 3.93 33.66
C LEU A 117 -8.35 4.98 34.64
N SER A 118 -7.94 4.87 35.91
CA SER A 118 -8.47 5.78 36.91
C SER A 118 -7.96 7.21 36.69
N LYS A 119 -6.65 7.36 36.45
CA LYS A 119 -6.14 8.70 36.18
C LYS A 119 -6.76 9.27 34.90
N PHE A 120 -6.95 8.42 33.88
CA PHE A 120 -7.67 8.76 32.65
C PHE A 120 -9.04 9.39 32.95
N ARG A 121 -9.90 8.65 33.68
CA ARG A 121 -11.24 9.13 34.04
C ARG A 121 -11.17 10.44 34.79
N LYS A 122 -10.19 10.57 35.70
CA LYS A 122 -10.07 11.78 36.50
C LYS A 122 -9.80 13.00 35.62
N ILE A 123 -8.80 12.88 34.74
CA ILE A 123 -8.47 13.99 33.85
C ILE A 123 -9.70 14.39 33.02
N ILE A 124 -10.44 13.38 32.51
CA ILE A 124 -11.58 13.65 31.62
C ILE A 124 -12.75 14.29 32.38
N LYS A 125 -13.00 13.85 33.61
CA LYS A 125 -14.05 14.48 34.41
C LYS A 125 -13.74 15.96 34.65
N GLU A 126 -12.49 16.26 35.07
CA GLU A 126 -12.14 17.66 35.33
C GLU A 126 -12.25 18.52 34.07
N GLU A 127 -11.90 17.96 32.91
CA GLU A 127 -11.95 18.78 31.71
C GLU A 127 -13.39 18.93 31.17
N ILE A 128 -14.26 17.93 31.32
CA ILE A 128 -15.64 18.14 30.86
C ILE A 128 -16.33 19.18 31.73
N ASN A 129 -16.02 19.20 33.04
CA ASN A 129 -16.51 20.33 33.83
C ASN A 129 -15.92 21.65 33.37
N ASP A 130 -14.67 21.63 32.85
CA ASP A 130 -14.03 22.87 32.42
C ASP A 130 -14.70 23.49 31.20
N ILE A 131 -15.37 22.69 30.37
CA ILE A 131 -16.03 23.21 29.17
C ILE A 131 -17.44 23.66 29.55
N LYS A 132 -17.66 24.98 29.57
CA LYS A 132 -18.96 25.56 29.91
C LYS A 132 -19.63 26.13 28.65
N ASP A 133 -19.50 25.40 27.54
CA ASP A 133 -20.12 25.76 26.27
C ASP A 133 -21.18 24.77 25.83
N THR A 134 -20.85 23.48 25.87
CA THR A 134 -21.77 22.42 25.52
C THR A 134 -21.89 21.44 26.68
N ASP A 135 -23.07 20.85 26.81
CA ASP A 135 -23.44 20.01 27.94
C ASP A 135 -22.84 18.62 27.74
N VAL A 136 -21.92 18.21 28.61
CA VAL A 136 -21.26 16.92 28.55
C VAL A 136 -21.28 16.26 29.92
N ILE A 137 -21.88 15.06 30.00
CA ILE A 137 -22.04 14.32 31.26
C ILE A 137 -21.23 13.02 31.16
N MET A 138 -20.61 12.62 32.27
CA MET A 138 -19.82 11.39 32.28
C MET A 138 -20.53 10.29 33.04
N LYS A 139 -20.45 9.05 32.52
CA LYS A 139 -20.92 7.85 33.22
C LYS A 139 -19.78 6.84 33.32
N ARG A 140 -19.64 6.22 34.50
CA ARG A 140 -18.61 5.20 34.71
C ARG A 140 -19.27 3.85 34.99
N LYS A 141 -18.80 2.83 34.26
CA LYS A 141 -19.29 1.46 34.40
C LYS A 141 -18.13 0.45 34.56
N GLY A 144 -13.72 -2.60 31.89
CA GLY A 144 -12.52 -2.05 31.29
C GLY A 144 -12.76 -1.38 29.95
N SER A 145 -13.40 -2.09 29.04
CA SER A 145 -13.66 -1.61 27.69
C SER A 145 -15.16 -1.64 27.43
N PRO A 146 -15.83 -0.48 27.22
CA PRO A 146 -15.29 0.87 27.12
C PRO A 146 -14.77 1.45 28.41
N ALA A 147 -13.77 2.30 28.27
CA ALA A 147 -13.12 2.89 29.44
C ALA A 147 -13.99 3.98 30.05
N VAL A 148 -14.46 4.92 29.23
CA VAL A 148 -15.30 6.01 29.74
C VAL A 148 -16.37 6.34 28.70
N THR A 149 -17.60 6.52 29.16
CA THR A 149 -18.72 6.86 28.29
C THR A 149 -19.26 8.24 28.64
N LEU A 150 -19.46 9.07 27.61
CA LEU A 150 -19.86 10.47 27.72
C LEU A 150 -21.15 10.75 26.93
N LEU A 151 -21.89 11.75 27.41
CA LEU A 151 -23.18 12.15 26.85
C LEU A 151 -23.13 13.63 26.47
N ILE A 152 -23.14 13.90 25.17
CA ILE A 152 -23.08 15.26 24.65
C ILE A 152 -24.51 15.73 24.39
N SER A 153 -24.98 16.58 25.29
CA SER A 153 -26.15 17.45 25.26
C SER A 153 -27.48 16.71 25.33
N GLU A 154 -27.54 15.52 24.73
CA GLU A 154 -28.63 14.57 24.89
C GLU A 154 -28.46 13.55 23.78
N LYS A 155 -28.74 12.29 24.09
CA LYS A 155 -28.90 11.23 23.11
C LYS A 155 -27.60 10.92 22.39
N ILE A 156 -26.61 11.82 22.41
CA ILE A 156 -25.39 11.57 21.66
C ILE A 156 -24.34 11.02 22.63
N SER A 157 -23.95 9.77 22.42
CA SER A 157 -23.09 9.09 23.37
C SER A 157 -21.78 8.72 22.69
N VAL A 158 -20.66 8.93 23.39
CA VAL A 158 -19.31 8.67 22.88
C VAL A 158 -18.56 7.80 23.88
N ASP A 159 -18.01 6.68 23.39
CA ASP A 159 -17.31 5.69 24.22
C ASP A 159 -15.82 5.80 23.92
N ILE A 160 -15.08 6.45 24.80
CA ILE A 160 -13.64 6.63 24.65
C ILE A 160 -12.94 5.45 25.30
N THR A 161 -12.15 4.73 24.50
CA THR A 161 -11.30 3.66 24.98
C THR A 161 -9.84 4.06 24.91
N LEU A 162 -9.05 3.54 25.85
CA LEU A 162 -7.62 3.79 25.97
C LEU A 162 -6.86 2.53 25.58
N ALA A 163 -5.80 2.67 24.78
CA ALA A 163 -5.09 1.52 24.26
C ALA A 163 -3.60 1.80 24.30
N LEU A 164 -2.84 0.77 24.69
CA LEU A 164 -1.41 0.77 24.46
C LEU A 164 -1.16 0.44 22.99
N GLU A 165 -0.17 1.10 22.41
CA GLU A 165 0.21 0.86 21.03
C GLU A 165 1.61 0.28 21.01
N SER A 166 1.81 -0.80 20.26
CA SER A 166 3.14 -1.39 20.13
C SER A 166 3.47 -1.44 18.65
N LYS A 167 4.62 -0.87 18.29
CA LYS A 167 5.04 -0.84 16.90
C LYS A 167 5.95 -2.01 16.55
N SER A 168 6.04 -3.00 17.43
CA SER A 168 6.82 -4.19 17.17
C SER A 168 5.98 -5.22 16.43
N SER A 169 6.62 -6.33 16.07
CA SER A 169 5.93 -7.36 15.29
C SER A 169 4.83 -7.98 16.13
N TRP A 170 3.82 -8.46 15.44
CA TRP A 170 2.64 -8.96 16.13
C TRP A 170 2.99 -10.19 16.98
N PRO A 171 2.31 -10.39 18.08
CA PRO A 171 2.62 -11.54 18.94
C PRO A 171 2.42 -12.84 18.19
N ALA A 172 3.04 -13.87 18.75
CA ALA A 172 3.10 -15.20 18.15
C ALA A 172 1.71 -15.76 17.89
N SER A 173 0.78 -15.54 18.82
CA SER A 173 -0.54 -16.15 18.70
C SER A 173 -1.24 -15.79 17.38
N THR A 174 -0.86 -14.68 16.74
CA THR A 174 -1.52 -14.29 15.50
C THR A 174 -0.91 -14.88 14.25
N GLN A 175 0.04 -15.81 14.35
CA GLN A 175 0.79 -16.24 13.17
C GLN A 175 -0.13 -16.83 12.11
N GLU A 176 -1.01 -17.75 12.49
CA GLU A 176 -1.81 -18.36 11.45
C GLU A 176 -2.99 -17.48 11.05
N GLY A 177 -3.09 -16.26 11.59
CA GLY A 177 -4.31 -15.49 11.50
C GLY A 177 -4.31 -14.56 10.32
N LEU A 178 -5.37 -13.77 10.21
CA LEU A 178 -5.53 -12.84 9.11
C LEU A 178 -5.36 -13.57 7.78
N ARG A 179 -6.26 -14.52 7.53
CA ARG A 179 -6.14 -15.38 6.37
C ARG A 179 -6.76 -14.73 5.13
N ILE A 180 -6.11 -13.67 4.65
CA ILE A 180 -6.64 -12.94 3.49
C ILE A 180 -5.87 -13.21 2.21
N GLN A 181 -4.88 -14.13 2.22
CA GLN A 181 -3.98 -14.28 1.07
C GLN A 181 -4.75 -14.62 -0.20
N ASN A 182 -5.75 -15.50 -0.09
CA ASN A 182 -6.44 -15.89 -1.31
C ASN A 182 -7.39 -14.81 -1.78
N TRP A 183 -7.64 -13.80 -0.97
CA TRP A 183 -8.64 -12.81 -1.30
C TRP A 183 -8.00 -11.45 -1.55
N LEU A 184 -7.32 -10.87 -0.55
CA LEU A 184 -6.70 -9.56 -0.70
C LEU A 184 -5.27 -9.62 -1.24
N SER A 185 -4.36 -10.38 -0.62
CA SER A 185 -3.25 -11.08 -1.24
C SER A 185 -2.26 -11.44 -0.15
N ALA A 186 -1.24 -12.24 -0.48
CA ALA A 186 -0.12 -12.38 0.44
C ALA A 186 0.57 -11.05 0.69
N LYS A 187 0.76 -10.26 -0.37
CA LYS A 187 1.39 -8.95 -0.26
C LYS A 187 0.67 -8.08 0.75
N VAL A 188 -0.67 -8.07 0.70
CA VAL A 188 -1.45 -7.20 1.56
C VAL A 188 -1.48 -7.71 2.98
N ARG A 189 -1.47 -9.03 3.16
CA ARG A 189 -1.33 -9.60 4.49
C ARG A 189 -0.02 -9.17 5.14
N LYS A 190 1.07 -9.28 4.40
CA LYS A 190 2.38 -8.87 4.90
C LYS A 190 2.40 -7.38 5.24
N GLN A 191 1.85 -6.53 4.37
CA GLN A 191 1.91 -5.11 4.73
C GLN A 191 0.99 -4.78 5.89
N LEU A 192 -0.10 -5.52 6.08
CA LEU A 192 -0.94 -5.21 7.23
C LEU A 192 -0.25 -5.63 8.52
N ARG A 193 0.47 -6.74 8.48
CA ARG A 193 1.16 -7.17 9.70
C ARG A 193 2.33 -6.26 10.09
N LEU A 194 2.76 -5.36 9.21
CA LEU A 194 3.76 -4.35 9.57
C LEU A 194 3.15 -3.16 10.29
N LYS A 195 1.83 -3.07 10.37
CA LYS A 195 1.18 -2.04 11.17
C LYS A 195 1.28 -2.41 12.65
N PRO A 196 1.22 -1.42 13.53
CA PRO A 196 1.28 -1.71 14.97
C PRO A 196 0.09 -2.56 15.40
N PHE A 197 0.12 -2.94 16.67
CA PHE A 197 -1.00 -3.63 17.25
C PHE A 197 -1.35 -2.95 18.57
N TYR A 198 -2.50 -3.31 19.15
CA TYR A 198 -2.93 -2.55 20.29
C TYR A 198 -3.29 -3.49 21.43
N LEU A 199 -3.29 -2.92 22.63
CA LEU A 199 -3.70 -3.61 23.84
C LEU A 199 -4.70 -2.75 24.59
N VAL A 200 -5.79 -3.37 25.02
CA VAL A 200 -6.83 -2.65 25.77
C VAL A 200 -7.14 -3.36 27.08
N PRO A 201 -7.50 -2.66 28.14
CA PRO A 201 -7.88 -3.35 29.38
C PRO A 201 -9.07 -4.24 29.10
N LYS A 202 -9.04 -5.46 29.64
CA LYS A 202 -10.20 -6.32 29.64
C LYS A 202 -9.97 -7.47 30.60
N HIS A 203 -10.86 -7.68 31.56
CA HIS A 203 -10.66 -8.76 32.51
C HIS A 203 -10.98 -10.12 31.89
N ALA A 204 -10.18 -11.11 32.24
CA ALA A 204 -10.43 -12.49 31.83
C ALA A 204 -10.90 -13.37 32.99
N GLU A 212 -7.24 -9.71 37.99
CA GLU A 212 -6.04 -9.74 37.15
C GLU A 212 -5.90 -8.47 36.31
N GLU A 213 -4.67 -7.94 36.24
CA GLU A 213 -4.35 -6.77 35.41
C GLU A 213 -3.89 -7.21 34.01
N THR A 214 -4.79 -7.95 33.34
CA THR A 214 -4.55 -8.46 31.99
C THR A 214 -5.00 -7.45 30.96
N TRP A 215 -4.26 -7.41 29.86
CA TRP A 215 -4.62 -6.62 28.69
C TRP A 215 -4.89 -7.56 27.54
N ARG A 216 -5.59 -7.06 26.54
CA ARG A 216 -6.12 -7.87 25.47
C ARG A 216 -5.75 -7.27 24.12
N LEU A 217 -5.44 -8.13 23.17
CA LEU A 217 -5.05 -7.65 21.84
C LEU A 217 -6.21 -6.99 21.13
N SER A 218 -5.89 -5.99 20.31
CA SER A 218 -6.89 -5.17 19.65
C SER A 218 -6.39 -4.77 18.26
N PHE A 219 -7.25 -5.02 17.26
CA PHE A 219 -7.02 -4.82 15.83
C PHE A 219 -8.17 -4.03 15.21
N SER A 220 -8.78 -3.11 15.98
CA SER A 220 -9.88 -2.30 15.46
C SER A 220 -9.47 -1.43 14.27
N HIS A 221 -8.19 -1.12 14.16
CA HIS A 221 -7.75 -0.36 12.99
C HIS A 221 -7.69 -1.19 11.70
N ILE A 222 -7.81 -2.52 11.76
CA ILE A 222 -7.62 -3.32 10.54
C ILE A 222 -8.91 -3.40 9.71
N GLU A 223 -10.06 -3.40 10.38
CA GLU A 223 -11.34 -3.46 9.68
C GLU A 223 -11.48 -2.29 8.71
N LYS A 224 -11.09 -1.09 9.15
CA LYS A 224 -11.18 0.10 8.32
C LYS A 224 -10.31 -0.04 7.08
N GLU A 225 -9.09 -0.53 7.30
CA GLU A 225 -8.11 -0.75 6.24
C GLU A 225 -8.63 -1.73 5.19
N ILE A 226 -9.16 -2.87 5.65
CA ILE A 226 -9.72 -3.88 4.75
C ILE A 226 -10.94 -3.33 4.00
N LEU A 227 -11.93 -2.80 4.73
CA LEU A 227 -13.18 -2.33 4.12
C LEU A 227 -12.98 -1.21 3.11
N ASN A 228 -11.99 -0.33 3.32
CA ASN A 228 -11.71 0.70 2.34
C ASN A 228 -10.97 0.18 1.12
N ASN A 229 -10.50 -1.05 1.15
CA ASN A 229 -9.87 -1.62 -0.02
C ASN A 229 -10.19 -3.11 0.01
N HIS A 230 -11.40 -3.48 -0.47
CA HIS A 230 -12.00 -4.75 -0.10
C HIS A 230 -12.06 -5.82 -1.18
N GLY A 231 -11.68 -5.50 -2.40
CA GLY A 231 -11.86 -6.45 -3.47
C GLY A 231 -10.61 -7.20 -3.79
N LYS A 232 -10.78 -8.32 -4.48
CA LYS A 232 -9.60 -8.95 -5.09
C LYS A 232 -9.08 -8.09 -6.22
N SER A 233 -9.97 -7.36 -6.89
CA SER A 233 -9.57 -6.41 -7.92
C SER A 233 -9.27 -5.05 -7.29
N LYS A 234 -8.14 -4.48 -7.64
CA LYS A 234 -7.79 -3.19 -7.07
C LYS A 234 -8.83 -2.14 -7.39
N THR A 235 -9.54 -2.28 -8.53
CA THR A 235 -10.56 -1.33 -8.93
C THR A 235 -11.97 -1.76 -8.51
N CYS A 236 -12.11 -2.57 -7.46
CA CYS A 236 -13.45 -2.93 -7.03
C CYS A 236 -14.15 -1.72 -6.42
N CYS A 237 -15.41 -1.52 -6.82
CA CYS A 237 -16.28 -0.45 -6.36
C CYS A 237 -15.77 0.93 -6.76
N GLU A 238 -14.83 0.98 -7.71
CA GLU A 238 -14.38 2.23 -8.30
C GLU A 238 -15.03 2.55 -9.63
N ASN A 239 -15.86 1.67 -10.19
CA ASN A 239 -16.55 1.98 -11.44
C ASN A 239 -17.84 1.16 -11.55
N LYS A 240 -18.63 1.49 -12.57
CA LYS A 240 -19.99 0.97 -12.72
C LYS A 240 -20.01 -0.56 -12.89
N GLU A 241 -19.02 -1.11 -13.58
CA GLU A 241 -18.95 -2.53 -13.93
C GLU A 241 -18.48 -3.42 -12.78
N GLU A 242 -17.99 -2.82 -11.70
CA GLU A 242 -17.35 -3.57 -10.60
C GLU A 242 -17.92 -3.17 -9.28
N LYS A 243 -19.25 -3.13 -9.16
CA LYS A 243 -19.94 -2.77 -7.92
C LYS A 243 -20.27 -4.04 -7.16
N CYS A 244 -19.74 -4.16 -5.95
CA CYS A 244 -19.95 -5.35 -5.15
C CYS A 244 -20.76 -4.97 -3.93
N CYS A 245 -21.18 -5.98 -3.16
CA CYS A 245 -22.13 -5.76 -2.08
C CYS A 245 -21.57 -6.23 -0.75
N ARG A 246 -20.23 -6.23 -0.60
CA ARG A 246 -19.62 -6.68 0.64
C ARG A 246 -19.99 -5.78 1.83
N LYS A 247 -19.78 -4.48 1.69
CA LYS A 247 -20.09 -3.56 2.78
C LYS A 247 -21.55 -3.68 3.18
N ASP A 248 -22.42 -3.79 2.17
CA ASP A 248 -23.85 -3.92 2.43
C ASP A 248 -24.17 -5.19 3.18
N CYS A 249 -23.48 -6.28 2.88
CA CYS A 249 -23.78 -7.50 3.61
C CYS A 249 -23.33 -7.37 5.04
N LEU A 250 -22.16 -6.76 5.26
CA LEU A 250 -21.73 -6.55 6.64
C LEU A 250 -22.72 -5.68 7.37
N LYS A 251 -23.21 -4.61 6.74
CA LYS A 251 -24.16 -3.73 7.41
C LYS A 251 -25.42 -4.48 7.76
N LEU A 252 -25.92 -5.30 6.84
CA LEU A 252 -27.15 -6.01 7.15
C LEU A 252 -26.93 -7.03 8.27
N MET A 253 -25.74 -7.66 8.33
CA MET A 253 -25.50 -8.62 9.43
C MET A 253 -25.41 -7.92 10.79
N LYS A 254 -24.77 -6.75 10.83
CA LYS A 254 -24.76 -5.95 12.05
C LYS A 254 -26.18 -5.57 12.46
N TYR A 255 -26.98 -5.11 11.50
CA TYR A 255 -28.34 -4.66 11.79
C TYR A 255 -29.21 -5.83 12.22
N LEU A 256 -29.00 -7.01 11.64
CA LEU A 256 -29.75 -8.19 12.05
C LEU A 256 -29.49 -8.50 13.53
N LEU A 257 -28.21 -8.54 13.93
CA LEU A 257 -27.95 -8.85 15.33
C LEU A 257 -28.50 -7.75 16.24
N GLU A 258 -28.36 -6.48 15.83
CA GLU A 258 -28.81 -5.36 16.66
C GLU A 258 -30.31 -5.39 16.86
N GLN A 259 -31.05 -5.70 15.81
CA GLN A 259 -32.51 -5.75 15.94
C GLN A 259 -32.93 -6.92 16.81
N LEU A 260 -32.21 -8.04 16.72
CA LEU A 260 -32.59 -9.13 17.59
C LEU A 260 -32.29 -8.79 19.05
N LYS A 261 -31.13 -8.18 19.31
CA LYS A 261 -30.80 -7.77 20.67
C LYS A 261 -31.80 -6.75 21.21
N GLU A 262 -32.29 -5.84 20.35
CA GLU A 262 -33.32 -4.90 20.76
C GLU A 262 -34.61 -5.62 21.09
N ARG A 263 -34.96 -6.63 20.31
CA ARG A 263 -36.19 -7.36 20.60
C ARG A 263 -36.12 -8.04 21.97
N PHE A 264 -34.91 -8.34 22.48
CA PHE A 264 -34.78 -9.08 23.73
C PHE A 264 -33.99 -8.29 24.77
N LYS A 265 -33.99 -6.97 24.65
CA LYS A 265 -33.19 -6.13 25.53
C LYS A 265 -33.57 -6.33 26.99
N ASP A 266 -34.83 -6.68 27.25
CA ASP A 266 -35.29 -6.90 28.61
C ASP A 266 -34.92 -8.27 29.15
N LYS A 267 -34.33 -9.13 28.32
CA LYS A 267 -33.88 -10.44 28.74
C LYS A 267 -32.38 -10.52 28.51
N LYS A 268 -31.75 -11.55 29.04
CA LYS A 268 -30.32 -11.74 28.88
C LYS A 268 -29.97 -12.66 27.72
N HIS A 269 -30.96 -13.14 26.98
CA HIS A 269 -30.72 -14.23 26.03
C HIS A 269 -29.55 -13.94 25.13
N LEU A 270 -29.43 -12.71 24.66
CA LEU A 270 -28.44 -12.40 23.63
C LEU A 270 -27.32 -11.49 24.14
N ASP A 271 -27.18 -11.33 25.48
CA ASP A 271 -26.23 -10.35 26.00
C ASP A 271 -24.80 -10.65 25.56
N LYS A 272 -24.46 -11.92 25.36
CA LYS A 272 -23.09 -12.31 25.08
C LYS A 272 -22.72 -12.25 23.59
N PHE A 273 -23.65 -11.91 22.69
CA PHE A 273 -23.30 -11.69 21.29
C PHE A 273 -23.10 -10.22 21.03
N SER A 274 -22.13 -9.89 20.20
CA SER A 274 -21.75 -8.51 19.91
C SER A 274 -21.49 -8.38 18.43
N SER A 275 -21.40 -7.13 17.95
CA SER A 275 -21.19 -6.94 16.52
C SER A 275 -19.86 -7.54 16.06
N TYR A 276 -18.90 -7.71 16.96
CA TYR A 276 -17.66 -8.29 16.50
C TYR A 276 -17.79 -9.78 16.24
N HIS A 277 -18.80 -10.45 16.80
CA HIS A 277 -19.05 -11.81 16.33
C HIS A 277 -19.53 -11.78 14.88
N VAL A 278 -20.32 -10.78 14.55
CA VAL A 278 -20.85 -10.64 13.20
C VAL A 278 -19.71 -10.32 12.23
N LYS A 279 -18.86 -9.37 12.60
CA LYS A 279 -17.72 -9.03 11.75
C LYS A 279 -16.82 -10.24 11.54
N THR A 280 -16.52 -10.97 12.62
CA THR A 280 -15.65 -12.12 12.45
C THR A 280 -16.24 -13.09 11.46
N ALA A 281 -17.53 -13.40 11.62
CA ALA A 281 -18.14 -14.35 10.67
C ALA A 281 -18.13 -13.79 9.25
N PHE A 282 -18.35 -12.48 9.10
CA PHE A 282 -18.41 -11.90 7.76
C PHE A 282 -17.08 -12.01 7.03
N PHE A 283 -15.99 -11.67 7.72
CA PHE A 283 -14.69 -11.73 7.06
C PHE A 283 -14.24 -13.17 6.84
N HIS A 284 -14.70 -14.10 7.66
CA HIS A 284 -14.51 -15.51 7.29
C HIS A 284 -15.23 -15.82 5.97
N VAL A 285 -16.43 -15.27 5.77
CA VAL A 285 -17.09 -15.57 4.48
C VAL A 285 -16.33 -14.91 3.34
N CYS A 286 -15.65 -13.80 3.63
CA CYS A 286 -14.89 -13.14 2.57
C CYS A 286 -13.67 -13.98 2.17
N THR A 287 -13.01 -14.57 3.16
CA THR A 287 -11.95 -15.54 2.90
C THR A 287 -12.51 -16.75 2.14
N GLN A 288 -13.71 -17.21 2.50
CA GLN A 288 -14.33 -18.36 1.85
C GLN A 288 -14.71 -18.06 0.41
N ASN A 289 -15.02 -16.79 0.13
CA ASN A 289 -15.63 -16.33 -1.12
C ASN A 289 -14.74 -15.19 -1.61
N PRO A 290 -13.58 -15.51 -2.20
CA PRO A 290 -12.61 -14.45 -2.51
C PRO A 290 -12.89 -13.70 -3.80
N GLN A 291 -13.67 -14.27 -4.73
CA GLN A 291 -13.84 -13.63 -6.03
C GLN A 291 -14.86 -12.51 -5.95
N ASP A 292 -14.50 -11.34 -6.48
CA ASP A 292 -15.46 -10.26 -6.64
C ASP A 292 -16.75 -10.74 -7.29
N SER A 293 -16.64 -11.71 -8.20
CA SER A 293 -17.79 -12.34 -8.86
C SER A 293 -18.74 -13.04 -7.88
N GLN A 294 -18.31 -13.29 -6.66
CA GLN A 294 -19.19 -13.92 -5.69
C GLN A 294 -19.88 -12.88 -4.79
N TRP A 295 -19.66 -11.58 -5.06
CA TRP A 295 -20.28 -10.49 -4.32
C TRP A 295 -20.87 -9.46 -5.27
N ASP A 296 -21.41 -9.90 -6.39
CA ASP A 296 -22.02 -8.96 -7.32
C ASP A 296 -23.16 -8.22 -6.63
N ARG A 297 -23.19 -6.91 -6.83
CA ARG A 297 -24.27 -6.06 -6.31
C ARG A 297 -25.65 -6.67 -6.60
N LYS A 298 -25.89 -7.05 -7.87
CA LYS A 298 -27.16 -7.67 -8.23
C LYS A 298 -27.55 -8.87 -7.37
N ASP A 299 -26.59 -9.52 -6.70
CA ASP A 299 -26.87 -10.74 -5.97
C ASP A 299 -26.93 -10.50 -4.48
N LEU A 300 -27.23 -9.27 -4.07
CA LEU A 300 -27.32 -8.96 -2.64
C LEU A 300 -28.05 -10.03 -1.81
N GLY A 301 -29.28 -10.37 -2.20
CA GLY A 301 -30.05 -11.32 -1.41
C GLY A 301 -29.34 -12.66 -1.24
N LEU A 302 -28.68 -13.10 -2.29
CA LEU A 302 -27.91 -14.33 -2.22
C LEU A 302 -26.70 -14.17 -1.31
N CYS A 303 -25.91 -13.11 -1.52
CA CYS A 303 -24.68 -12.99 -0.73
C CYS A 303 -25.00 -12.88 0.75
N PHE A 304 -26.00 -12.08 1.09
CA PHE A 304 -26.45 -12.01 2.49
C PHE A 304 -26.82 -13.38 3.02
N ASP A 305 -27.56 -14.16 2.23
CA ASP A 305 -27.91 -15.51 2.66
C ASP A 305 -26.66 -16.31 2.97
N ASN A 306 -25.61 -16.16 2.13
CA ASN A 306 -24.33 -16.81 2.38
C ASN A 306 -23.82 -16.44 3.77
N CYS A 307 -23.89 -15.16 4.11
CA CYS A 307 -23.47 -14.73 5.45
C CYS A 307 -24.28 -15.40 6.53
N VAL A 308 -25.61 -15.45 6.35
CA VAL A 308 -26.46 -15.91 7.42
C VAL A 308 -26.20 -17.39 7.68
N THR A 309 -26.21 -18.19 6.60
CA THR A 309 -25.96 -19.62 6.71
C THR A 309 -24.65 -19.90 7.43
N TYR A 310 -23.58 -19.21 7.02
CA TYR A 310 -22.31 -19.40 7.68
C TYR A 310 -22.41 -19.09 9.16
N PHE A 311 -22.99 -17.94 9.51
CA PHE A 311 -23.17 -17.61 10.91
C PHE A 311 -23.96 -18.69 11.63
N LEU A 312 -25.05 -19.17 11.00
CA LEU A 312 -25.83 -20.26 11.61
C LEU A 312 -24.94 -21.47 11.85
N GLN A 313 -24.15 -21.84 10.83
CA GLN A 313 -23.27 -22.99 10.94
C GLN A 313 -22.27 -22.82 12.10
N CYS A 314 -21.82 -21.58 12.35
CA CYS A 314 -20.91 -21.37 13.48
C CYS A 314 -21.62 -21.57 14.81
N LEU A 315 -22.88 -21.12 14.91
CA LEU A 315 -23.65 -21.33 16.13
C LEU A 315 -23.86 -22.81 16.37
N ARG A 316 -24.26 -23.53 15.32
CA ARG A 316 -24.60 -24.93 15.52
C ARG A 316 -23.37 -25.74 15.85
N THR A 317 -22.24 -25.42 15.21
CA THR A 317 -21.02 -26.15 15.51
C THR A 317 -20.28 -25.59 16.72
N GLU A 318 -20.70 -24.44 17.26
CA GLU A 318 -20.03 -23.78 18.38
C GLU A 318 -18.57 -23.47 18.04
N LYS A 319 -18.29 -23.15 16.78
CA LYS A 319 -16.95 -22.78 16.34
C LYS A 319 -17.02 -21.46 15.58
N LEU A 320 -16.37 -20.43 16.12
CA LEU A 320 -16.16 -19.17 15.41
C LEU A 320 -14.77 -18.69 15.80
N GLU A 321 -13.78 -19.00 14.96
CA GLU A 321 -12.41 -18.62 15.29
C GLU A 321 -12.22 -17.11 15.13
N ASN A 322 -11.45 -16.53 16.05
CA ASN A 322 -11.10 -15.12 15.95
C ASN A 322 -10.23 -14.88 14.73
N TYR A 323 -10.44 -13.77 14.04
CA TYR A 323 -9.83 -13.62 12.72
C TYR A 323 -8.34 -13.47 12.84
N PHE A 324 -7.88 -13.02 14.01
CA PHE A 324 -6.48 -12.72 14.17
C PHE A 324 -5.73 -13.77 14.97
N ILE A 325 -6.43 -14.42 15.89
CA ILE A 325 -5.85 -15.46 16.74
C ILE A 325 -6.69 -16.70 16.49
N PRO A 326 -6.38 -17.49 15.46
CA PRO A 326 -7.29 -18.58 15.09
C PRO A 326 -7.54 -19.56 16.23
N GLU A 327 -6.59 -19.71 17.17
CA GLU A 327 -6.77 -20.72 18.21
C GLU A 327 -7.77 -20.31 19.30
N PHE A 328 -8.29 -19.08 19.24
CA PHE A 328 -9.27 -18.58 20.21
C PHE A 328 -10.65 -18.69 19.60
N ASN A 329 -11.49 -19.52 20.20
CA ASN A 329 -12.83 -19.78 19.72
C ASN A 329 -13.84 -18.85 20.41
N LEU A 330 -14.39 -17.88 19.66
CA LEU A 330 -15.41 -16.99 20.21
C LEU A 330 -16.72 -17.69 20.55
N PHE A 331 -17.00 -18.87 19.98
CA PHE A 331 -18.22 -19.59 20.34
C PHE A 331 -17.95 -20.82 21.20
N SER A 332 -16.82 -20.85 21.91
CA SER A 332 -16.51 -21.93 22.83
C SER A 332 -17.59 -22.04 23.90
N SER A 333 -17.86 -23.29 24.32
CA SER A 333 -18.88 -23.54 25.33
C SER A 333 -18.55 -22.87 26.66
N ASN A 334 -17.28 -22.58 26.90
CA ASN A 334 -16.88 -21.95 28.14
C ASN A 334 -17.10 -20.45 28.10
N LEU A 335 -17.48 -19.90 26.95
CA LEU A 335 -17.71 -18.49 26.73
C LEU A 335 -19.19 -18.17 26.54
N ILE A 336 -19.87 -18.82 25.60
CA ILE A 336 -21.30 -18.65 25.44
C ILE A 336 -22.01 -19.95 25.70
N ASP A 337 -23.16 -19.85 26.35
CA ASP A 337 -23.96 -21.03 26.64
C ASP A 337 -24.47 -21.65 25.35
N LYS A 338 -24.50 -22.99 25.33
CA LYS A 338 -25.22 -23.72 24.29
C LYS A 338 -26.67 -23.26 24.16
N ARG A 339 -27.30 -22.91 25.28
CA ARG A 339 -28.71 -22.48 25.27
C ARG A 339 -28.88 -21.13 24.57
N SER A 340 -27.98 -20.18 24.85
CA SER A 340 -28.00 -18.92 24.11
C SER A 340 -27.76 -19.15 22.62
N LYS A 341 -26.82 -20.05 22.29
CA LYS A 341 -26.44 -20.28 20.90
C LYS A 341 -27.60 -20.91 20.13
N GLU A 342 -28.30 -21.87 20.76
CA GLU A 342 -29.50 -22.40 20.15
C GLU A 342 -30.62 -21.38 20.05
N PHE A 343 -30.77 -20.51 21.06
CA PHE A 343 -31.80 -19.48 20.98
C PHE A 343 -31.56 -18.54 19.80
N LEU A 344 -30.33 -18.06 19.66
CA LEU A 344 -30.09 -17.17 18.53
C LEU A 344 -30.19 -17.93 17.22
N THR A 345 -29.84 -19.22 17.23
CA THR A 345 -30.00 -20.06 16.04
C THR A 345 -31.44 -20.04 15.58
N LYS A 346 -32.34 -20.39 16.48
CA LYS A 346 -33.77 -20.42 16.16
C LYS A 346 -34.27 -19.05 15.70
N GLN A 347 -33.84 -17.96 16.36
CA GLN A 347 -34.29 -16.64 15.94
C GLN A 347 -33.87 -16.35 14.50
N ILE A 348 -32.58 -16.53 14.19
CA ILE A 348 -32.07 -16.24 12.85
C ILE A 348 -32.73 -17.12 11.80
N GLU A 349 -32.94 -18.40 12.12
CA GLU A 349 -33.58 -19.31 11.17
C GLU A 349 -35.01 -18.87 10.87
N TYR A 350 -35.79 -18.55 11.92
CA TYR A 350 -37.12 -17.95 11.70
C TYR A 350 -37.01 -16.78 10.72
N GLU A 351 -36.09 -15.87 10.99
CA GLU A 351 -35.97 -14.66 10.18
C GLU A 351 -35.72 -15.02 8.72
N ARG A 352 -34.68 -15.83 8.46
CA ARG A 352 -34.39 -16.15 7.07
C ARG A 352 -35.55 -16.86 6.41
N ASN A 353 -36.25 -17.74 7.14
CA ASN A 353 -37.42 -18.38 6.56
C ASN A 353 -38.58 -17.41 6.32
N ASN A 354 -38.57 -16.19 6.89
CA ASN A 354 -39.72 -15.28 6.73
C ASN A 354 -39.37 -13.93 6.11
N GLU A 355 -38.27 -13.85 5.35
CA GLU A 355 -37.91 -12.57 4.68
C GLU A 355 -37.61 -11.48 5.70
N PHE A 356 -36.99 -11.87 6.83
CA PHE A 356 -36.46 -10.96 7.85
C PHE A 356 -37.40 -9.84 8.28
N PRO A 357 -38.50 -10.15 8.96
CA PRO A 357 -39.37 -9.07 9.45
C PRO A 357 -38.75 -8.24 10.54
N VAL A 358 -37.72 -8.73 11.22
CA VAL A 358 -37.13 -7.98 12.34
C VAL A 358 -36.55 -6.68 11.85
N PHE A 359 -36.12 -6.62 10.58
CA PHE A 359 -35.68 -5.35 10.01
C PHE A 359 -36.74 -4.26 10.10
N ASP A 360 -37.99 -4.60 10.44
CA ASP A 360 -39.04 -3.60 10.64
C ASP A 360 -39.28 -3.38 12.13
N GLU A 361 -38.41 -2.57 12.74
CA GLU A 361 -38.53 -2.07 14.10
C GLU A 361 -38.95 -3.09 15.16
N GLY B 1 5.36 -19.08 -32.29
CA GLY B 1 4.68 -18.07 -31.50
C GLY B 1 5.04 -18.18 -30.03
N ALA B 2 4.06 -18.52 -29.20
CA ALA B 2 4.25 -18.53 -27.75
C ALA B 2 5.44 -19.40 -27.34
N SER B 3 5.65 -20.53 -28.01
CA SER B 3 6.72 -21.44 -27.59
C SER B 3 8.08 -20.95 -28.05
N LYS B 4 8.15 -20.38 -29.25
CA LYS B 4 9.41 -19.78 -29.68
C LYS B 4 9.84 -18.69 -28.71
N LEU B 5 8.89 -17.86 -28.28
CA LEU B 5 9.22 -16.77 -27.36
C LEU B 5 9.60 -17.30 -26.00
N ARG B 6 8.91 -18.35 -25.53
CA ARG B 6 9.24 -18.88 -24.22
C ARG B 6 10.67 -19.38 -24.21
N ALA B 7 11.10 -20.05 -25.30
CA ALA B 7 12.49 -20.49 -25.39
C ALA B 7 13.47 -19.30 -25.33
N VAL B 8 13.14 -18.20 -26.03
CA VAL B 8 13.96 -16.98 -25.91
C VAL B 8 14.09 -16.55 -24.45
N LEU B 9 12.96 -16.53 -23.72
CA LEU B 9 12.98 -16.10 -22.33
C LEU B 9 13.85 -17.01 -21.50
N GLU B 10 13.78 -18.32 -21.73
CA GLU B 10 14.60 -19.26 -20.97
C GLU B 10 16.09 -19.05 -21.24
N LYS B 11 16.42 -18.76 -22.49
CA LYS B 11 17.81 -18.41 -22.84
C LYS B 11 18.30 -17.21 -22.05
N LEU B 12 17.44 -16.19 -21.91
CA LEU B 12 17.82 -15.03 -21.10
C LEU B 12 18.02 -15.38 -19.63
N LYS B 13 17.18 -16.29 -19.09
CA LYS B 13 17.42 -16.71 -17.70
C LYS B 13 18.78 -17.39 -17.56
N LEU B 14 19.20 -18.14 -18.58
CA LEU B 14 20.53 -18.78 -18.54
C LEU B 14 21.67 -17.78 -18.38
N SER B 15 21.44 -16.51 -18.74
CA SER B 15 22.43 -15.47 -18.48
C SER B 15 22.15 -14.73 -17.17
N ARG B 16 20.92 -14.79 -16.66
CA ARG B 16 20.69 -14.28 -15.30
C ARG B 16 21.53 -15.07 -14.28
N ASP B 17 21.56 -16.41 -14.42
CA ASP B 17 22.30 -17.27 -13.49
C ASP B 17 23.78 -17.38 -13.83
N ASP B 18 24.23 -16.81 -14.96
CA ASP B 18 25.65 -16.68 -15.23
C ASP B 18 26.15 -15.57 -14.32
N ILE B 19 27.15 -15.90 -13.53
CA ILE B 19 27.20 -15.58 -12.12
C ILE B 19 26.51 -14.26 -11.81
N SER B 20 25.54 -14.29 -10.90
CA SER B 20 24.84 -13.05 -10.51
C SER B 20 25.50 -12.35 -9.33
N THR B 21 26.45 -12.98 -8.62
CA THR B 21 27.28 -12.24 -7.66
C THR B 21 28.38 -11.44 -8.37
N ALA B 22 28.32 -11.31 -9.71
CA ALA B 22 28.98 -10.24 -10.44
C ALA B 22 28.34 -8.88 -10.17
N ALA B 23 27.09 -8.88 -9.68
CA ALA B 23 26.53 -7.69 -9.09
C ALA B 23 27.02 -7.45 -7.65
N GLY B 24 27.49 -8.49 -6.97
CA GLY B 24 28.20 -8.26 -5.71
C GLY B 24 29.52 -7.55 -5.93
N MET B 25 30.19 -7.83 -7.06
CA MET B 25 31.40 -7.10 -7.43
C MET B 25 31.09 -5.62 -7.65
N VAL B 26 29.87 -5.31 -8.10
CA VAL B 26 29.44 -3.93 -8.18
C VAL B 26 28.94 -3.41 -6.83
N LYS B 27 28.32 -4.28 -6.01
CA LYS B 27 27.90 -3.86 -4.67
C LYS B 27 29.07 -3.34 -3.86
N GLY B 28 30.22 -4.02 -3.93
CA GLY B 28 31.40 -3.54 -3.22
C GLY B 28 31.87 -2.19 -3.73
N VAL B 29 31.97 -2.04 -5.05
CA VAL B 29 32.50 -0.81 -5.64
C VAL B 29 31.60 0.37 -5.31
N VAL B 30 30.28 0.14 -5.24
CA VAL B 30 29.36 1.22 -4.90
C VAL B 30 29.40 1.53 -3.41
N ASP B 31 29.49 0.51 -2.56
CA ASP B 31 29.61 0.77 -1.13
C ASP B 31 30.86 1.58 -0.82
N HIS B 32 31.97 1.29 -1.52
CA HIS B 32 33.21 2.05 -1.37
C HIS B 32 33.06 3.49 -1.85
N LEU B 33 32.53 3.68 -3.06
CA LEU B 33 32.38 5.04 -3.58
C LEU B 33 31.41 5.87 -2.74
N LEU B 34 30.39 5.22 -2.13
CA LEU B 34 29.49 5.94 -1.23
C LEU B 34 30.15 6.23 0.12
N LEU B 35 31.03 5.35 0.59
CA LEU B 35 31.81 5.63 1.80
C LEU B 35 32.75 6.81 1.60
N ARG B 36 33.33 6.96 0.40
CA ARG B 36 34.26 8.07 0.15
C ARG B 36 33.56 9.34 -0.28
N LEU B 37 32.39 9.23 -0.91
CA LEU B 37 31.64 10.43 -1.27
C LEU B 37 30.97 11.05 -0.04
N LYS B 38 30.56 10.23 0.93
CA LYS B 38 29.97 10.78 2.17
C LYS B 38 30.98 11.57 2.97
N CYS B 39 32.28 11.42 2.70
CA CYS B 39 33.30 12.19 3.40
C CYS B 39 33.20 13.67 3.06
N ASP B 40 33.00 14.01 1.78
CA ASP B 40 33.04 15.39 1.33
C ASP B 40 31.78 16.16 1.75
N SER B 41 31.92 17.48 1.91
CA SER B 41 30.84 18.28 2.45
C SER B 41 29.71 18.48 1.44
N ALA B 42 30.06 18.65 0.16
CA ALA B 42 29.04 18.82 -0.86
C ALA B 42 28.22 17.55 -1.09
N PHE B 43 28.72 16.39 -0.64
CA PHE B 43 28.05 15.11 -0.85
C PHE B 43 27.90 14.33 0.46
N ARG B 44 27.50 15.00 1.56
CA ARG B 44 27.36 14.33 2.85
C ARG B 44 26.17 13.36 2.88
N GLY B 45 25.10 13.67 2.17
CA GLY B 45 23.90 12.87 2.25
C GLY B 45 23.60 12.01 1.03
N VAL B 46 24.64 11.55 0.34
CA VAL B 46 24.42 10.70 -0.83
C VAL B 46 24.10 9.30 -0.39
N GLY B 47 23.18 8.66 -1.11
CA GLY B 47 22.85 7.27 -0.84
C GLY B 47 22.44 6.56 -2.11
N LEU B 48 22.43 5.23 -2.04
CA LEU B 48 21.91 4.43 -3.15
C LEU B 48 20.40 4.56 -3.18
N LEU B 49 19.85 4.80 -4.38
CA LEU B 49 18.41 5.03 -4.48
C LEU B 49 17.62 3.75 -4.23
N ASN B 50 17.82 2.70 -5.04
CA ASN B 50 16.95 1.50 -4.97
C ASN B 50 17.30 0.59 -3.79
N GLU B 56 20.59 -3.21 -10.40
CA GLU B 56 19.60 -2.73 -11.35
C GLU B 56 20.13 -2.69 -12.79
N HIS B 57 19.68 -3.65 -13.61
CA HIS B 57 20.25 -3.90 -14.92
C HIS B 57 19.75 -2.94 -15.98
N VAL B 58 20.64 -2.55 -16.89
CA VAL B 58 20.25 -1.74 -18.05
C VAL B 58 20.16 -2.59 -19.30
N LYS B 59 20.80 -3.77 -19.33
CA LYS B 59 20.75 -4.67 -20.47
C LYS B 59 20.49 -6.08 -19.98
N ILE B 60 19.57 -6.77 -20.66
CA ILE B 60 19.32 -8.17 -20.38
C ILE B 60 20.34 -9.06 -21.08
N SER B 61 20.72 -8.71 -22.32
CA SER B 61 21.70 -9.51 -23.06
C SER B 61 23.10 -9.35 -22.49
N ALA B 62 23.38 -8.23 -21.83
CA ALA B 62 24.69 -8.01 -21.22
C ALA B 62 24.54 -8.01 -19.70
N PRO B 63 24.79 -9.13 -19.02
CA PRO B 63 24.72 -9.13 -17.56
C PRO B 63 25.90 -8.43 -16.90
N ASN B 64 26.84 -7.90 -17.68
CA ASN B 64 27.98 -7.20 -17.14
C ASN B 64 27.79 -5.68 -17.14
N GLU B 65 26.73 -5.15 -17.76
CA GLU B 65 26.45 -3.71 -17.78
C GLU B 65 25.30 -3.41 -16.80
N PHE B 66 25.61 -2.66 -15.75
CA PHE B 66 24.71 -2.38 -14.64
C PHE B 66 24.42 -0.89 -14.55
N ASP B 67 23.46 -0.53 -13.70
CA ASP B 67 23.07 0.86 -13.52
C ASP B 67 22.63 1.09 -12.08
N VAL B 68 23.18 2.13 -11.45
CA VAL B 68 22.80 2.54 -10.10
C VAL B 68 22.71 4.06 -10.04
N MET B 69 21.87 4.55 -9.14
CA MET B 69 21.63 5.97 -9.00
C MET B 69 21.98 6.41 -7.59
N PHE B 70 22.62 7.56 -7.48
CA PHE B 70 22.96 8.18 -6.21
C PHE B 70 21.99 9.34 -5.98
N LYS B 71 21.20 9.23 -4.91
CA LYS B 71 20.25 10.28 -4.51
C LYS B 71 20.89 11.21 -3.50
N LEU B 72 20.47 12.47 -3.58
CA LEU B 72 20.98 13.56 -2.76
C LEU B 72 19.76 14.40 -2.40
N GLU B 73 19.22 14.17 -1.20
CA GLU B 73 18.01 14.86 -0.80
C GLU B 73 18.25 16.35 -0.70
N VAL B 74 17.33 17.14 -1.28
CA VAL B 74 17.45 18.60 -1.28
C VAL B 74 16.15 19.24 -0.78
N PRO B 75 16.08 19.63 0.49
CA PRO B 75 14.88 20.30 1.00
C PRO B 75 14.86 21.77 0.62
N ARG B 76 13.68 22.40 0.80
CA ARG B 76 13.48 23.83 0.52
C ARG B 76 13.81 24.17 -0.94
N ILE B 77 13.42 23.26 -1.85
CA ILE B 77 13.74 23.39 -3.28
C ILE B 77 12.63 24.16 -3.99
N GLN B 78 13.02 25.02 -4.95
CA GLN B 78 12.08 25.81 -5.76
C GLN B 78 12.35 25.54 -7.23
N LEU B 79 11.36 24.99 -7.95
CA LEU B 79 11.55 24.57 -9.33
C LEU B 79 10.98 25.60 -10.30
N GLU B 80 11.78 25.98 -11.30
CA GLU B 80 11.33 26.95 -12.30
C GLU B 80 11.35 26.28 -13.67
N GLU B 81 10.17 26.10 -14.26
CA GLU B 81 10.09 25.47 -15.58
C GLU B 81 10.85 26.28 -16.65
N TYR B 82 11.46 25.57 -17.58
CA TYR B 82 12.23 26.19 -18.66
C TYR B 82 11.38 26.22 -19.94
N SER B 83 11.12 27.43 -20.45
CA SER B 83 10.62 27.71 -21.80
C SER B 83 9.65 26.64 -22.32
N ASN B 84 8.65 26.31 -21.50
CA ASN B 84 7.50 25.49 -21.87
C ASN B 84 7.84 24.03 -22.17
N THR B 85 9.04 23.57 -21.77
CA THR B 85 9.50 22.22 -22.09
C THR B 85 8.79 21.14 -21.27
N ARG B 86 8.18 21.52 -20.14
CA ARG B 86 7.42 20.66 -19.23
C ARG B 86 8.27 19.72 -18.38
N ALA B 87 9.53 19.48 -18.75
CA ALA B 87 10.32 18.43 -18.11
C ALA B 87 11.61 18.91 -17.53
N TYR B 88 12.09 20.06 -17.98
CA TYR B 88 13.36 20.60 -17.60
C TYR B 88 13.12 21.82 -16.73
N TYR B 89 13.76 21.83 -15.57
CA TYR B 89 13.57 22.88 -14.60
C TYR B 89 14.92 23.45 -14.19
N PHE B 90 14.88 24.66 -13.66
CA PHE B 90 15.98 25.24 -12.91
C PHE B 90 15.73 24.94 -11.44
N VAL B 91 16.79 24.68 -10.70
CA VAL B 91 16.71 24.45 -9.25
C VAL B 91 17.15 25.72 -8.52
N LYS B 92 16.26 26.28 -7.70
CA LYS B 92 16.55 27.39 -6.80
C LYS B 92 16.26 26.95 -5.36
N PHE B 93 16.55 27.83 -4.39
CA PHE B 93 16.47 27.48 -2.96
C PHE B 93 15.84 28.63 -2.16
N LYS B 94 15.76 28.44 -0.85
CA LYS B 94 15.14 29.42 0.05
C LYS B 94 16.15 29.97 1.06
N GLU B 99 22.81 28.51 5.44
CA GLU B 99 23.29 28.12 4.12
C GLU B 99 23.09 26.64 3.90
N ASN B 100 23.31 26.23 2.65
CA ASN B 100 23.05 24.87 2.22
C ASN B 100 24.31 24.25 1.64
N PRO B 101 24.45 22.92 1.72
CA PRO B 101 25.73 22.29 1.38
C PRO B 101 26.15 22.44 -0.07
N LEU B 102 25.22 22.69 -0.98
CA LEU B 102 25.54 22.79 -2.40
C LEU B 102 25.78 24.23 -2.84
N SER B 103 26.04 25.14 -1.91
CA SER B 103 26.34 26.53 -2.27
C SER B 103 27.51 26.61 -3.25
N GLN B 104 28.46 25.67 -3.15
CA GLN B 104 29.61 25.63 -4.06
C GLN B 104 29.21 25.65 -5.54
N PHE B 105 28.04 25.09 -5.87
CA PHE B 105 27.63 24.90 -7.26
C PHE B 105 26.58 25.88 -7.74
N LEU B 106 26.10 26.79 -6.89
CA LEU B 106 25.07 27.71 -7.34
C LEU B 106 25.71 28.91 -8.01
N GLU B 107 25.20 29.27 -9.18
CA GLU B 107 25.70 30.41 -9.95
C GLU B 107 24.59 31.46 -9.96
N GLY B 108 24.59 32.30 -8.92
CA GLY B 108 23.54 33.28 -8.71
C GLY B 108 22.43 32.74 -7.84
N GLU B 109 21.31 32.37 -8.45
CA GLU B 109 20.25 31.65 -7.77
C GLU B 109 19.95 30.29 -8.37
N ILE B 110 20.53 29.95 -9.53
CA ILE B 110 20.31 28.66 -10.18
C ILE B 110 21.49 27.74 -9.85
N LEU B 111 21.17 26.49 -9.49
CA LEU B 111 22.18 25.51 -9.13
C LEU B 111 22.77 24.88 -10.38
N SER B 112 24.08 25.00 -10.55
CA SER B 112 24.75 24.48 -11.74
C SER B 112 24.84 22.95 -11.69
N ALA B 113 24.33 22.29 -12.73
CA ALA B 113 24.53 20.86 -12.86
C ALA B 113 25.96 20.55 -13.27
N SER B 114 26.56 21.41 -14.09
CA SER B 114 27.91 21.17 -14.58
C SER B 114 28.91 21.18 -13.42
N LYS B 115 28.83 22.21 -12.58
CA LYS B 115 29.74 22.30 -11.43
C LYS B 115 29.62 21.08 -10.51
N MET B 116 28.39 20.64 -10.29
CA MET B 116 28.13 19.53 -9.39
C MET B 116 28.64 18.20 -9.97
N LEU B 117 28.34 17.93 -11.25
CA LEU B 117 28.87 16.76 -11.93
C LEU B 117 30.40 16.77 -11.99
N SER B 118 31.01 17.95 -12.11
CA SER B 118 32.46 18.02 -12.12
C SER B 118 33.06 17.54 -10.80
N LYS B 119 32.55 18.07 -9.67
CA LYS B 119 33.06 17.60 -8.38
C LYS B 119 32.79 16.09 -8.20
N PHE B 120 31.62 15.64 -8.68
CA PHE B 120 31.25 14.21 -8.63
C PHE B 120 32.26 13.33 -9.39
N ARG B 121 32.59 13.70 -10.62
CA ARG B 121 33.51 12.91 -11.45
C ARG B 121 34.93 12.91 -10.88
N LYS B 122 35.41 14.07 -10.41
CA LYS B 122 36.76 14.08 -9.87
C LYS B 122 36.84 13.28 -8.57
N ILE B 123 35.75 13.19 -7.80
CA ILE B 123 35.77 12.29 -6.63
C ILE B 123 35.78 10.82 -7.06
N ILE B 124 35.08 10.49 -8.16
CA ILE B 124 35.13 9.11 -8.68
C ILE B 124 36.55 8.76 -9.14
N LYS B 125 37.20 9.71 -9.82
CA LYS B 125 38.61 9.52 -10.14
C LYS B 125 39.51 9.47 -8.90
N GLU B 126 39.11 10.13 -7.79
CA GLU B 126 39.91 10.09 -6.56
C GLU B 126 39.76 8.78 -5.81
N GLU B 127 38.62 8.10 -5.98
CA GLU B 127 38.43 6.81 -5.34
C GLU B 127 38.81 5.62 -6.23
N ILE B 128 38.95 5.80 -7.55
CA ILE B 128 39.43 4.68 -8.36
C ILE B 128 40.95 4.45 -8.23
N ASN B 129 41.71 5.45 -7.75
CA ASN B 129 43.13 5.26 -7.42
C ASN B 129 43.32 4.50 -6.11
N ASP B 130 42.45 4.77 -5.14
CA ASP B 130 42.55 4.18 -3.81
C ASP B 130 42.37 2.65 -3.85
N ILE B 131 41.53 2.13 -4.74
CA ILE B 131 41.24 0.69 -4.79
C ILE B 131 42.22 0.02 -5.75
N LYS B 132 43.10 -0.82 -5.21
CA LYS B 132 43.99 -1.68 -6.00
C LYS B 132 43.64 -3.17 -5.84
N ASP B 133 42.54 -3.48 -5.16
CA ASP B 133 42.07 -4.87 -5.06
C ASP B 133 41.50 -5.35 -6.39
N THR B 134 40.44 -4.70 -6.86
CA THR B 134 39.74 -5.06 -8.08
C THR B 134 39.85 -3.91 -9.07
N ASP B 135 40.44 -4.20 -10.24
CA ASP B 135 40.81 -3.18 -11.22
C ASP B 135 39.58 -2.43 -11.76
N VAL B 136 39.58 -1.10 -11.63
CA VAL B 136 38.46 -0.25 -12.04
C VAL B 136 38.98 0.91 -12.89
N ILE B 137 38.39 1.10 -14.07
CA ILE B 137 38.79 2.10 -15.05
C ILE B 137 37.63 3.07 -15.29
N MET B 138 37.93 4.37 -15.51
CA MET B 138 36.89 5.37 -15.72
C MET B 138 36.76 5.76 -17.21
N LYS B 139 35.52 6.01 -17.65
CA LYS B 139 35.19 6.29 -19.04
C LYS B 139 34.41 7.60 -19.11
N ARG B 140 35.03 8.67 -19.61
CA ARG B 140 34.42 10.00 -19.60
C ARG B 140 33.66 10.27 -20.90
N LYS B 141 32.39 10.68 -20.76
CA LYS B 141 31.53 11.00 -21.90
C LYS B 141 30.68 12.26 -21.67
N VAL B 148 28.62 9.02 -14.65
CA VAL B 148 29.97 8.49 -14.85
C VAL B 148 29.87 7.00 -15.17
N THR B 149 30.71 6.52 -16.09
CA THR B 149 30.71 5.11 -16.47
C THR B 149 32.06 4.49 -16.10
N LEU B 150 32.00 3.33 -15.44
CA LEU B 150 33.17 2.64 -14.91
C LEU B 150 33.22 1.20 -15.41
N LEU B 151 34.43 0.61 -15.37
CA LEU B 151 34.71 -0.75 -15.86
C LEU B 151 35.48 -1.52 -14.80
N ILE B 152 34.86 -2.58 -14.29
CA ILE B 152 35.42 -3.41 -13.23
C ILE B 152 36.07 -4.64 -13.87
N SER B 153 37.39 -4.60 -13.91
CA SER B 153 38.33 -5.69 -14.16
C SER B 153 38.35 -6.22 -15.59
N GLU B 154 37.18 -6.27 -16.24
CA GLU B 154 37.02 -6.50 -17.67
C GLU B 154 35.54 -6.78 -17.92
N LYS B 155 34.99 -6.22 -18.99
CA LYS B 155 33.67 -6.53 -19.51
C LYS B 155 32.54 -6.07 -18.61
N ILE B 156 32.84 -5.76 -17.35
CA ILE B 156 31.80 -5.43 -16.38
C ILE B 156 31.75 -3.91 -16.27
N SER B 157 30.60 -3.31 -16.54
CA SER B 157 30.49 -1.86 -16.64
C SER B 157 29.30 -1.34 -15.83
N VAL B 158 29.49 -0.19 -15.18
CA VAL B 158 28.49 0.40 -14.28
C VAL B 158 28.32 1.87 -14.60
N ASP B 159 27.06 2.32 -14.64
CA ASP B 159 26.74 3.70 -14.99
C ASP B 159 26.08 4.39 -13.79
N ILE B 160 26.85 5.25 -13.12
CA ILE B 160 26.39 5.96 -11.93
C ILE B 160 25.71 7.27 -12.33
N THR B 161 24.53 7.53 -11.75
CA THR B 161 23.72 8.71 -11.99
C THR B 161 23.48 9.46 -10.68
N LEU B 162 23.65 10.79 -10.73
CA LEU B 162 23.47 11.66 -9.58
C LEU B 162 22.11 12.35 -9.69
N ALA B 163 21.33 12.28 -8.62
CA ALA B 163 19.98 12.80 -8.66
C ALA B 163 19.66 13.54 -7.37
N LEU B 164 19.00 14.67 -7.52
CA LEU B 164 18.42 15.37 -6.41
C LEU B 164 17.11 14.68 -6.06
N GLU B 165 16.88 14.48 -4.77
CA GLU B 165 15.64 13.90 -4.28
C GLU B 165 14.81 15.01 -3.66
N SER B 166 13.56 15.12 -4.08
CA SER B 166 12.62 16.02 -3.44
C SER B 166 11.49 15.16 -2.87
N LYS B 167 11.16 15.39 -1.61
CA LYS B 167 10.08 14.72 -0.88
C LYS B 167 8.76 15.50 -0.91
N SER B 168 8.65 16.52 -1.77
CA SER B 168 7.43 17.30 -1.91
C SER B 168 6.51 16.69 -2.97
N SER B 169 5.32 17.28 -3.12
CA SER B 169 4.39 16.80 -4.12
C SER B 169 4.99 16.95 -5.51
N TRP B 170 4.60 16.05 -6.42
CA TRP B 170 5.15 16.07 -7.77
C TRP B 170 4.77 17.35 -8.50
N PRO B 171 5.61 17.81 -9.43
CA PRO B 171 5.33 19.06 -10.16
C PRO B 171 4.07 18.96 -11.02
N ALA B 172 3.55 20.15 -11.38
CA ALA B 172 2.24 20.24 -12.05
C ALA B 172 2.21 19.54 -13.40
N SER B 173 3.36 19.50 -14.10
CA SER B 173 3.42 18.90 -15.44
C SER B 173 3.05 17.42 -15.43
N THR B 174 3.13 16.80 -14.26
CA THR B 174 2.73 15.42 -14.07
C THR B 174 1.25 15.25 -13.81
N GLN B 175 0.46 16.33 -13.71
CA GLN B 175 -0.91 16.17 -13.21
C GLN B 175 -1.67 15.07 -13.94
N GLU B 176 -1.66 15.11 -15.27
CA GLU B 176 -2.46 14.17 -16.04
C GLU B 176 -1.75 12.84 -16.30
N GLY B 177 -0.60 12.59 -15.65
CA GLY B 177 0.26 11.48 -15.99
C GLY B 177 0.07 10.32 -15.05
N LEU B 178 0.88 9.27 -15.26
CA LEU B 178 0.75 8.01 -14.52
C LEU B 178 -0.71 7.53 -14.57
N ARG B 179 -1.26 7.48 -15.81
CA ARG B 179 -2.65 7.10 -16.05
C ARG B 179 -2.85 5.59 -15.86
N ILE B 180 -2.76 5.18 -14.58
CA ILE B 180 -2.96 3.79 -14.18
C ILE B 180 -4.30 3.53 -13.50
N GLN B 181 -5.19 4.54 -13.45
CA GLN B 181 -6.43 4.40 -12.67
C GLN B 181 -7.24 3.17 -13.10
N ASN B 182 -7.40 2.97 -14.41
CA ASN B 182 -8.26 1.89 -14.88
C ASN B 182 -7.58 0.53 -14.81
N TRP B 183 -6.30 0.50 -14.43
CA TRP B 183 -5.55 -0.74 -14.37
C TRP B 183 -5.16 -1.05 -12.94
N LEU B 184 -4.47 -0.13 -12.25
CA LEU B 184 -3.96 -0.46 -10.94
C LEU B 184 -4.79 0.13 -9.81
N SER B 185 -5.31 1.34 -9.95
CA SER B 185 -6.58 1.78 -9.42
C SER B 185 -6.36 3.25 -9.15
N ALA B 186 -7.38 3.98 -8.72
CA ALA B 186 -7.12 5.34 -8.25
C ALA B 186 -6.38 5.36 -6.90
N LYS B 187 -6.66 4.38 -6.03
CA LYS B 187 -5.97 4.32 -4.75
C LYS B 187 -4.45 4.16 -4.93
N VAL B 188 -4.04 3.26 -5.83
CA VAL B 188 -2.62 3.00 -6.06
C VAL B 188 -1.94 4.19 -6.71
N ARG B 189 -2.62 4.86 -7.65
CA ARG B 189 -2.03 6.05 -8.25
C ARG B 189 -1.78 7.12 -7.17
N LYS B 190 -2.78 7.34 -6.31
CA LYS B 190 -2.60 8.28 -5.21
C LYS B 190 -1.39 7.93 -4.34
N GLN B 191 -1.25 6.66 -3.93
CA GLN B 191 -0.14 6.38 -3.00
C GLN B 191 1.19 6.48 -3.71
N LEU B 192 1.26 6.10 -4.98
CA LEU B 192 2.51 6.26 -5.72
C LEU B 192 2.91 7.72 -5.77
N ARG B 193 1.96 8.62 -6.07
CA ARG B 193 2.29 10.04 -6.17
C ARG B 193 2.72 10.65 -4.84
N LEU B 194 2.68 9.88 -3.75
CA LEU B 194 3.15 10.37 -2.45
C LEU B 194 4.62 10.10 -2.24
N LYS B 195 5.23 9.33 -3.10
CA LYS B 195 6.64 9.07 -3.00
C LYS B 195 7.40 10.30 -3.51
N PRO B 196 8.67 10.45 -3.14
CA PRO B 196 9.47 11.59 -3.63
C PRO B 196 9.68 11.50 -5.15
N PHE B 197 10.22 12.58 -5.73
CA PHE B 197 10.60 12.57 -7.13
C PHE B 197 12.06 13.01 -7.29
N TYR B 198 12.66 12.72 -8.43
CA TYR B 198 14.07 12.98 -8.56
C TYR B 198 14.34 13.96 -9.70
N LEU B 199 15.44 14.68 -9.59
CA LEU B 199 15.96 15.50 -10.68
C LEU B 199 17.36 15.02 -11.05
N VAL B 200 17.69 15.09 -12.34
CA VAL B 200 19.02 14.68 -12.82
C VAL B 200 19.49 15.68 -13.85
N PRO B 201 20.81 15.82 -14.00
CA PRO B 201 21.32 16.75 -15.02
C PRO B 201 21.10 16.21 -16.43
N LYS B 202 20.65 17.10 -17.33
CA LYS B 202 20.50 16.75 -18.75
C LYS B 202 20.35 18.02 -19.59
N GLU B 212 22.61 25.63 -21.09
CA GLU B 212 21.71 25.94 -19.99
C GLU B 212 21.92 24.97 -18.83
N GLU B 213 21.75 25.47 -17.61
CA GLU B 213 21.91 24.67 -16.39
C GLU B 213 20.56 24.13 -15.92
N THR B 214 19.88 23.40 -16.80
CA THR B 214 18.57 22.84 -16.50
C THR B 214 18.69 21.40 -16.00
N TRP B 215 17.69 21.01 -15.19
CA TRP B 215 17.55 19.68 -14.63
C TRP B 215 16.30 19.01 -15.21
N ARG B 216 16.25 17.69 -15.09
CA ARG B 216 15.26 16.85 -15.74
C ARG B 216 14.61 15.93 -14.71
N LEU B 217 13.29 15.82 -14.75
CA LEU B 217 12.57 14.98 -13.80
C LEU B 217 12.89 13.52 -14.06
N SER B 218 12.80 12.72 -12.99
CA SER B 218 13.16 11.31 -13.00
C SER B 218 12.29 10.54 -12.03
N PHE B 219 11.73 9.44 -12.53
CA PHE B 219 10.88 8.53 -11.78
C PHE B 219 11.38 7.10 -11.94
N SER B 220 12.70 6.90 -11.81
CA SER B 220 13.32 5.59 -12.05
C SER B 220 12.98 4.58 -10.96
N HIS B 221 12.32 5.02 -9.90
CA HIS B 221 11.90 4.17 -8.81
C HIS B 221 10.47 3.65 -8.95
N ILE B 222 9.67 4.18 -9.88
CA ILE B 222 8.27 3.78 -9.99
C ILE B 222 8.14 2.42 -10.69
N GLU B 223 8.90 2.23 -11.77
CA GLU B 223 8.88 0.98 -12.49
C GLU B 223 8.86 -0.20 -11.53
N LYS B 224 9.83 -0.26 -10.61
CA LYS B 224 9.95 -1.42 -9.74
C LYS B 224 8.68 -1.60 -8.91
N GLU B 225 8.07 -0.48 -8.53
CA GLU B 225 6.86 -0.51 -7.72
C GLU B 225 5.69 -1.08 -8.51
N ILE B 226 5.59 -0.72 -9.79
CA ILE B 226 4.53 -1.22 -10.67
C ILE B 226 4.76 -2.68 -11.03
N LEU B 227 6.01 -3.04 -11.32
CA LEU B 227 6.25 -4.40 -11.81
C LEU B 227 6.11 -5.40 -10.67
N ASN B 228 6.39 -4.98 -9.43
CA ASN B 228 6.23 -5.95 -8.37
C ASN B 228 4.79 -6.10 -7.92
N ASN B 229 3.89 -5.18 -8.34
CA ASN B 229 2.44 -5.30 -8.06
C ASN B 229 1.71 -4.86 -9.34
N HIS B 230 1.58 -5.77 -10.32
CA HIS B 230 1.37 -5.38 -11.72
C HIS B 230 -0.01 -5.73 -12.28
N GLY B 231 -0.87 -6.41 -11.49
CA GLY B 231 -2.13 -6.89 -12.01
C GLY B 231 -3.31 -6.03 -11.58
N LYS B 232 -4.42 -6.17 -12.30
CA LYS B 232 -5.64 -5.60 -11.76
C LYS B 232 -6.11 -6.41 -10.59
N SER B 233 -5.87 -7.72 -10.62
CA SER B 233 -6.18 -8.54 -9.45
C SER B 233 -5.02 -8.43 -8.48
N LYS B 234 -5.32 -8.29 -7.20
CA LYS B 234 -4.29 -8.19 -6.17
C LYS B 234 -3.47 -9.47 -6.04
N THR B 235 -4.00 -10.59 -6.55
CA THR B 235 -3.31 -11.87 -6.49
C THR B 235 -2.72 -12.29 -7.84
N CYS B 236 -2.58 -11.36 -8.78
CA CYS B 236 -1.88 -11.68 -10.03
C CYS B 236 -0.52 -12.34 -9.77
N CYS B 237 -0.27 -13.47 -10.43
CA CYS B 237 1.00 -14.21 -10.38
C CYS B 237 1.33 -14.70 -8.98
N GLU B 238 0.35 -14.71 -8.07
CA GLU B 238 0.48 -15.37 -6.78
C GLU B 238 0.01 -16.82 -6.79
N ASN B 239 -0.65 -17.29 -7.85
CA ASN B 239 -1.11 -18.67 -7.89
C ASN B 239 -1.18 -19.18 -9.32
N LYS B 240 -1.43 -20.48 -9.47
CA LYS B 240 -1.33 -21.10 -10.80
C LYS B 240 -2.37 -20.52 -11.76
N GLU B 241 -3.59 -20.28 -11.26
CA GLU B 241 -4.73 -19.85 -12.05
C GLU B 241 -4.65 -18.39 -12.49
N GLU B 242 -3.63 -17.65 -12.05
CA GLU B 242 -3.47 -16.22 -12.33
C GLU B 242 -2.05 -15.89 -12.78
N LYS B 243 -1.50 -16.67 -13.70
CA LYS B 243 -0.18 -16.39 -14.24
C LYS B 243 -0.34 -15.56 -15.50
N CYS B 244 0.23 -14.37 -15.46
CA CYS B 244 0.22 -13.42 -16.55
C CYS B 244 1.63 -13.29 -17.13
N CYS B 245 1.71 -12.60 -18.27
CA CYS B 245 2.94 -12.54 -19.05
C CYS B 245 3.38 -11.10 -19.29
N ARG B 246 2.93 -10.18 -18.43
CA ARG B 246 3.36 -8.79 -18.55
C ARG B 246 4.88 -8.66 -18.49
N LYS B 247 5.49 -9.18 -17.41
CA LYS B 247 6.94 -9.06 -17.24
C LYS B 247 7.67 -9.69 -18.41
N ASP B 248 7.14 -10.81 -18.91
CA ASP B 248 7.80 -11.47 -20.02
C ASP B 248 7.80 -10.59 -21.26
N CYS B 249 6.67 -9.94 -21.56
CA CYS B 249 6.62 -9.08 -22.74
C CYS B 249 7.54 -7.88 -22.56
N LEU B 250 7.58 -7.29 -21.37
CA LEU B 250 8.54 -6.19 -21.19
C LEU B 250 9.95 -6.67 -21.43
N LYS B 251 10.30 -7.84 -20.89
CA LYS B 251 11.65 -8.36 -21.11
C LYS B 251 11.94 -8.52 -22.61
N LEU B 252 10.97 -9.07 -23.35
CA LEU B 252 11.20 -9.34 -24.77
C LEU B 252 11.25 -8.07 -25.60
N MET B 253 10.51 -7.03 -25.19
CA MET B 253 10.63 -5.74 -25.88
C MET B 253 12.01 -5.12 -25.65
N LYS B 254 12.48 -5.16 -24.39
CA LYS B 254 13.83 -4.67 -24.13
C LYS B 254 14.83 -5.44 -24.99
N TYR B 255 14.76 -6.77 -24.95
CA TYR B 255 15.73 -7.56 -25.69
C TYR B 255 15.69 -7.27 -27.19
N LEU B 256 14.48 -7.09 -27.77
CA LEU B 256 14.38 -6.81 -29.20
C LEU B 256 15.13 -5.53 -29.55
N LEU B 257 14.94 -4.48 -28.75
CA LEU B 257 15.68 -3.25 -29.02
C LEU B 257 17.17 -3.44 -28.82
N GLU B 258 17.57 -4.18 -27.79
CA GLU B 258 19.01 -4.35 -27.56
C GLU B 258 19.67 -5.09 -28.72
N GLN B 259 19.03 -6.15 -29.22
CA GLN B 259 19.61 -6.89 -30.34
C GLN B 259 19.63 -6.06 -31.61
N LEU B 260 18.58 -5.29 -31.87
CA LEU B 260 18.66 -4.48 -33.08
C LEU B 260 19.74 -3.42 -32.93
N LYS B 261 19.83 -2.77 -31.77
CA LYS B 261 20.90 -1.81 -31.55
C LYS B 261 22.26 -2.46 -31.76
N GLU B 262 22.45 -3.67 -31.24
CA GLU B 262 23.76 -4.31 -31.42
C GLU B 262 24.01 -4.64 -32.89
N ARG B 263 22.98 -5.08 -33.62
CA ARG B 263 23.21 -5.45 -35.01
C ARG B 263 23.66 -4.25 -35.84
N PHE B 264 23.24 -3.05 -35.46
CA PHE B 264 23.60 -1.85 -36.20
C PHE B 264 24.50 -0.92 -35.40
N LYS B 265 25.29 -1.49 -34.49
CA LYS B 265 26.21 -0.72 -33.67
C LYS B 265 27.21 0.09 -34.51
N ASP B 266 27.48 -0.32 -35.75
CA ASP B 266 28.39 0.40 -36.62
C ASP B 266 27.70 1.50 -37.42
N LYS B 267 26.37 1.57 -37.39
CA LYS B 267 25.59 2.67 -37.93
C LYS B 267 24.96 3.47 -36.79
N LYS B 268 24.44 4.64 -37.14
CA LYS B 268 23.92 5.52 -36.13
C LYS B 268 22.40 5.50 -36.05
N HIS B 269 21.74 4.69 -36.87
CA HIS B 269 20.29 4.82 -37.05
C HIS B 269 19.51 4.61 -35.76
N LEU B 270 19.98 3.75 -34.87
CA LEU B 270 19.24 3.41 -33.66
C LEU B 270 19.87 4.01 -32.39
N ASP B 271 20.80 4.95 -32.54
CA ASP B 271 21.56 5.48 -31.40
C ASP B 271 20.66 6.21 -30.41
N LYS B 272 19.67 6.95 -30.91
CA LYS B 272 18.77 7.73 -30.09
C LYS B 272 17.62 6.92 -29.50
N PHE B 273 17.54 5.61 -29.73
CA PHE B 273 16.56 4.79 -29.01
C PHE B 273 17.20 4.12 -27.78
N SER B 274 16.35 3.83 -26.77
CA SER B 274 16.81 3.31 -25.49
C SER B 274 15.71 2.48 -24.84
N SER B 275 16.10 1.74 -23.79
CA SER B 275 15.13 0.86 -23.13
C SER B 275 13.95 1.65 -22.57
N TYR B 276 14.15 2.90 -22.19
CA TYR B 276 13.03 3.60 -21.61
C TYR B 276 11.95 3.95 -22.65
N HIS B 277 12.30 4.04 -23.94
CA HIS B 277 11.26 4.09 -24.97
C HIS B 277 10.43 2.80 -25.00
N VAL B 278 11.09 1.66 -24.85
CA VAL B 278 10.40 0.37 -24.81
C VAL B 278 9.50 0.28 -23.60
N LYS B 279 10.01 0.70 -22.43
CA LYS B 279 9.25 0.65 -21.18
C LYS B 279 7.99 1.51 -21.28
N THR B 280 8.16 2.74 -21.76
CA THR B 280 7.04 3.65 -21.95
C THR B 280 5.96 3.02 -22.83
N ALA B 281 6.33 2.58 -24.05
CA ALA B 281 5.35 1.95 -24.93
C ALA B 281 4.66 0.80 -24.20
N PHE B 282 5.44 0.02 -23.45
CA PHE B 282 4.85 -1.16 -22.81
C PHE B 282 3.82 -0.77 -21.75
N PHE B 283 4.16 0.20 -20.89
CA PHE B 283 3.21 0.57 -19.84
C PHE B 283 1.98 1.26 -20.42
N HIS B 284 2.11 1.89 -21.60
CA HIS B 284 0.91 2.35 -22.29
C HIS B 284 0.04 1.19 -22.75
N VAL B 285 0.63 0.08 -23.19
CA VAL B 285 -0.22 -1.05 -23.53
C VAL B 285 -0.91 -1.56 -22.27
N CYS B 286 -0.18 -1.55 -21.14
CA CYS B 286 -0.79 -1.94 -19.86
C CYS B 286 -2.02 -1.10 -19.52
N THR B 287 -1.90 0.21 -19.69
CA THR B 287 -3.07 1.07 -19.56
C THR B 287 -4.15 0.68 -20.56
N GLN B 288 -3.75 0.40 -21.80
CA GLN B 288 -4.70 0.10 -22.86
C GLN B 288 -5.40 -1.23 -22.61
N ASN B 289 -4.73 -2.18 -21.97
CA ASN B 289 -5.23 -3.53 -21.72
C ASN B 289 -5.18 -3.74 -20.21
N PRO B 290 -6.14 -3.16 -19.49
CA PRO B 290 -6.08 -3.18 -18.02
C PRO B 290 -6.44 -4.51 -17.40
N GLN B 291 -7.12 -5.41 -18.12
CA GLN B 291 -7.59 -6.67 -17.57
C GLN B 291 -6.49 -7.74 -17.61
N ASP B 292 -6.29 -8.42 -16.48
CA ASP B 292 -5.37 -9.55 -16.42
C ASP B 292 -5.71 -10.65 -17.41
N SER B 293 -6.96 -10.72 -17.87
CA SER B 293 -7.32 -11.75 -18.84
C SER B 293 -6.73 -11.45 -20.22
N GLN B 294 -6.30 -10.20 -20.45
CA GLN B 294 -5.64 -9.77 -21.68
C GLN B 294 -4.15 -10.05 -21.68
N TRP B 295 -3.63 -10.59 -20.59
CA TRP B 295 -2.22 -10.94 -20.47
C TRP B 295 -2.07 -12.38 -20.00
N ASP B 296 -2.89 -13.32 -20.48
CA ASP B 296 -2.79 -14.69 -19.99
C ASP B 296 -1.47 -15.27 -20.46
N ARG B 297 -0.79 -16.00 -19.56
CA ARG B 297 0.50 -16.60 -19.92
C ARG B 297 0.41 -17.40 -21.20
N LYS B 298 -0.67 -18.20 -21.34
CA LYS B 298 -0.90 -18.98 -22.56
C LYS B 298 -0.90 -18.12 -23.81
N ASP B 299 -1.13 -16.82 -23.67
CA ASP B 299 -1.24 -15.92 -24.79
C ASP B 299 0.02 -15.10 -25.00
N LEU B 300 1.17 -15.57 -24.48
CA LEU B 300 2.39 -14.78 -24.59
C LEU B 300 2.58 -14.29 -26.03
N GLY B 301 2.58 -15.21 -26.99
CA GLY B 301 2.86 -14.84 -28.37
C GLY B 301 1.96 -13.72 -28.83
N LEU B 302 0.67 -13.83 -28.53
CA LEU B 302 -0.27 -12.79 -28.91
C LEU B 302 0.02 -11.49 -28.15
N CYS B 303 0.21 -11.57 -26.82
CA CYS B 303 0.39 -10.34 -26.03
C CYS B 303 1.63 -9.59 -26.48
N PHE B 304 2.75 -10.30 -26.67
CA PHE B 304 3.93 -9.65 -27.23
C PHE B 304 3.60 -8.96 -28.54
N ASP B 305 2.82 -9.63 -29.40
CA ASP B 305 2.48 -9.00 -30.66
C ASP B 305 1.77 -7.67 -30.43
N ASN B 306 0.87 -7.61 -29.43
CA ASN B 306 0.20 -6.34 -29.13
C ASN B 306 1.21 -5.28 -28.73
N CYS B 307 2.23 -5.67 -27.94
CA CYS B 307 3.27 -4.73 -27.57
C CYS B 307 4.04 -4.29 -28.81
N VAL B 308 4.20 -5.19 -29.78
CA VAL B 308 4.98 -4.84 -30.96
C VAL B 308 4.21 -3.87 -31.83
N THR B 309 2.95 -4.21 -32.17
CA THR B 309 2.15 -3.35 -33.04
C THR B 309 2.01 -1.95 -32.44
N TYR B 310 1.76 -1.86 -31.13
CA TYR B 310 1.72 -0.56 -30.48
C TYR B 310 3.02 0.20 -30.69
N PHE B 311 4.16 -0.44 -30.41
CA PHE B 311 5.42 0.27 -30.60
C PHE B 311 5.57 0.70 -32.05
N LEU B 312 5.17 -0.17 -32.99
CA LEU B 312 5.31 0.21 -34.40
C LEU B 312 4.40 1.40 -34.68
N GLN B 313 3.18 1.35 -34.15
CA GLN B 313 2.25 2.45 -34.30
C GLN B 313 2.87 3.75 -33.79
N CYS B 314 3.66 3.67 -32.71
CA CYS B 314 4.25 4.86 -32.12
C CYS B 314 5.33 5.42 -33.03
N LEU B 315 6.11 4.54 -33.65
CA LEU B 315 7.11 5.02 -34.58
C LEU B 315 6.46 5.64 -35.81
N ARG B 316 5.44 4.97 -36.38
CA ARG B 316 4.86 5.47 -37.63
C ARG B 316 4.15 6.82 -37.42
N THR B 317 3.44 6.97 -36.30
CA THR B 317 2.75 8.23 -36.01
C THR B 317 3.67 9.29 -35.42
N GLU B 318 4.90 8.93 -35.03
CA GLU B 318 5.83 9.88 -34.40
C GLU B 318 5.24 10.41 -33.10
N LYS B 319 4.53 9.54 -32.38
CA LYS B 319 3.94 9.89 -31.11
C LYS B 319 4.19 8.78 -30.11
N LEU B 320 4.74 9.16 -28.94
CA LEU B 320 4.93 8.28 -27.80
C LEU B 320 5.00 9.21 -26.59
N GLU B 321 3.88 9.34 -25.86
CA GLU B 321 3.82 10.29 -24.76
C GLU B 321 4.63 9.79 -23.57
N ASN B 322 5.32 10.70 -22.88
CA ASN B 322 5.98 10.31 -21.63
C ASN B 322 4.95 9.84 -20.59
N TYR B 323 5.29 8.76 -19.87
CA TYR B 323 4.29 8.13 -19.00
C TYR B 323 3.92 9.03 -17.83
N PHE B 324 4.84 9.89 -17.42
CA PHE B 324 4.64 10.76 -16.27
C PHE B 324 4.25 12.18 -16.68
N ILE B 325 4.79 12.70 -17.75
CA ILE B 325 4.41 14.01 -18.28
C ILE B 325 3.81 13.79 -19.65
N PRO B 326 2.47 13.68 -19.76
CA PRO B 326 1.88 13.26 -21.04
C PRO B 326 2.15 14.21 -22.18
N GLU B 327 2.32 15.50 -21.86
CA GLU B 327 2.47 16.52 -22.90
C GLU B 327 3.83 16.49 -23.59
N PHE B 328 4.76 15.65 -23.15
CA PHE B 328 6.11 15.59 -23.71
C PHE B 328 6.21 14.35 -24.62
N ASN B 329 6.41 14.58 -25.91
CA ASN B 329 6.46 13.51 -26.90
C ASN B 329 7.89 13.01 -27.04
N LEU B 330 8.13 11.74 -26.68
CA LEU B 330 9.47 11.15 -26.79
C LEU B 330 9.88 10.91 -28.24
N PHE B 331 8.90 10.70 -29.13
CA PHE B 331 9.13 10.53 -30.56
C PHE B 331 8.81 11.80 -31.34
N SER B 332 8.89 12.96 -30.70
CA SER B 332 8.66 14.17 -31.46
C SER B 332 9.73 14.30 -32.54
N SER B 333 9.38 15.04 -33.59
CA SER B 333 10.28 15.16 -34.72
C SER B 333 11.55 15.91 -34.34
N ASN B 334 11.46 16.75 -33.30
CA ASN B 334 12.57 17.54 -32.79
C ASN B 334 13.53 16.71 -31.94
N LEU B 335 13.28 15.39 -31.77
CA LEU B 335 14.01 14.50 -30.87
C LEU B 335 14.65 13.31 -31.56
N ILE B 336 13.92 12.61 -32.44
CA ILE B 336 14.45 11.50 -33.21
C ILE B 336 14.05 11.68 -34.67
N ASP B 337 15.01 11.50 -35.59
CA ASP B 337 14.74 11.75 -37.00
C ASP B 337 13.66 10.81 -37.55
N LYS B 338 12.87 11.33 -38.50
CA LYS B 338 11.88 10.50 -39.20
C LYS B 338 12.57 9.33 -39.87
N ARG B 339 13.75 9.57 -40.43
CA ARG B 339 14.55 8.50 -41.00
C ARG B 339 14.79 7.37 -39.98
N SER B 340 15.33 7.72 -38.80
CA SER B 340 15.69 6.69 -37.81
C SER B 340 14.48 5.90 -37.36
N LYS B 341 13.35 6.59 -37.18
CA LYS B 341 12.11 5.91 -36.83
C LYS B 341 11.65 4.97 -37.95
N GLU B 342 11.75 5.41 -39.21
CA GLU B 342 11.35 4.55 -40.33
C GLU B 342 12.28 3.34 -40.48
N PHE B 343 13.56 3.52 -40.16
CA PHE B 343 14.53 2.42 -40.17
C PHE B 343 14.19 1.40 -39.10
N LEU B 344 13.95 1.85 -37.86
CA LEU B 344 13.55 0.90 -36.82
C LEU B 344 12.20 0.26 -37.14
N THR B 345 11.26 1.02 -37.73
CA THR B 345 10.00 0.45 -38.19
C THR B 345 10.24 -0.71 -39.15
N LYS B 346 11.09 -0.52 -40.16
CA LYS B 346 11.27 -1.61 -41.13
C LYS B 346 12.04 -2.80 -40.53
N GLN B 347 12.99 -2.55 -39.63
CA GLN B 347 13.67 -3.66 -38.94
C GLN B 347 12.67 -4.51 -38.16
N ILE B 348 11.84 -3.85 -37.36
CA ILE B 348 10.93 -4.57 -36.48
C ILE B 348 9.82 -5.26 -37.28
N GLU B 349 9.38 -4.66 -38.40
CA GLU B 349 8.36 -5.33 -39.22
C GLU B 349 8.93 -6.60 -39.87
N TYR B 350 10.18 -6.53 -40.37
CA TYR B 350 10.87 -7.74 -40.83
C TYR B 350 10.91 -8.82 -39.75
N GLU B 351 11.34 -8.45 -38.54
CA GLU B 351 11.33 -9.40 -37.43
C GLU B 351 9.94 -10.02 -37.26
N ARG B 352 8.90 -9.20 -37.05
CA ARG B 352 7.57 -9.73 -36.79
C ARG B 352 7.11 -10.66 -37.90
N ASN B 353 7.51 -10.41 -39.15
CA ASN B 353 7.10 -11.27 -40.27
C ASN B 353 7.96 -12.51 -40.44
N ASN B 354 9.11 -12.62 -39.75
CA ASN B 354 9.99 -13.79 -39.89
C ASN B 354 10.30 -14.47 -38.55
N GLU B 355 9.41 -14.38 -37.57
CA GLU B 355 9.57 -15.12 -36.31
C GLU B 355 10.85 -14.70 -35.58
N PHE B 356 11.15 -13.41 -35.68
CA PHE B 356 12.19 -12.74 -34.90
C PHE B 356 13.53 -13.45 -34.99
N PRO B 357 14.16 -13.47 -36.17
CA PRO B 357 15.48 -14.12 -36.26
C PRO B 357 16.57 -13.39 -35.48
N VAL B 358 16.43 -12.08 -35.23
CA VAL B 358 17.44 -11.34 -34.48
C VAL B 358 17.52 -11.75 -33.01
N PHE B 359 16.53 -12.48 -32.49
CA PHE B 359 16.69 -12.99 -31.13
C PHE B 359 17.74 -14.08 -31.06
N ASP B 360 18.06 -14.72 -32.19
CA ASP B 360 18.96 -15.86 -32.21
C ASP B 360 20.42 -15.42 -32.29
N GLU B 361 20.72 -14.20 -31.82
CA GLU B 361 21.96 -13.46 -31.93
C GLU B 361 22.37 -13.28 -33.39
N PHE B 362 21.56 -13.71 -34.35
CA PHE B 362 21.68 -13.49 -35.80
C PHE B 362 22.45 -12.20 -36.18
ZN ZN C . -16.40 -3.77 -3.89
C10 YP8 D . -12.45 -7.83 15.33
C15 YP8 D . -10.51 -10.06 20.89
C16 YP8 D . -11.55 -10.47 21.72
C17 YP8 D . -11.60 -11.79 22.14
C18 YP8 D . -10.61 -12.68 21.77
C19 YP8 D . -9.58 -12.25 20.95
C21 YP8 D . -12.62 -9.54 22.10
C22 YP8 D . -13.52 -9.62 23.20
C23 YP8 D . -14.33 -8.55 23.07
C26 YP8 D . -14.54 -6.68 21.38
C27 YP8 D . -12.79 -8.25 12.98
C28 YP8 D . -12.59 -9.47 12.34
C1 YP8 D . -9.51 -10.93 20.49
C12 YP8 D . -10.83 -8.61 16.88
C14 YP8 D . -13.50 -8.17 14.30
C2 YP8 D . -8.37 -10.49 19.59
C29 YP8 D . -11.92 -9.54 11.12
C30 YP8 D . -11.46 -8.39 10.52
C31 YP8 D . -11.68 -7.16 11.13
C32 YP8 D . -12.33 -7.09 12.34
C4 YP8 D . -9.33 -8.60 18.32
C7 YP8 D . -11.13 -6.21 16.59
C9 YP8 D . -12.14 -6.54 15.64
N11 YP8 D . -11.79 -8.86 15.96
N13 YP8 D . -10.10 -9.46 17.59
N24 YP8 D . -13.96 -7.89 21.95
N25 YP8 D . -12.92 -8.48 21.33
N3 YP8 D . -8.40 -9.08 19.22
N5 YP8 D . -9.52 -7.30 18.13
N6 YP8 D . -10.52 -7.33 17.16
O8 YP8 D . -10.77 -5.06 16.93
CL20 YP8 D . -8.37 -13.40 20.50
ZN ZN E . 0.86 -11.12 -13.23
C10 YP8 F . 10.51 5.86 -17.46
C15 YP8 F . 12.30 11.58 -18.79
C16 YP8 F . 13.11 11.65 -19.92
C17 YP8 F . 12.74 12.47 -20.98
C18 YP8 F . 11.57 13.20 -20.91
C19 YP8 F . 10.77 13.12 -19.78
C21 YP8 F . 14.37 10.86 -19.99
C22 YP8 F . 15.45 11.02 -20.89
C23 YP8 F . 16.35 10.05 -20.54
C26 YP8 F . 16.37 8.21 -18.80
C27 YP8 F . 8.76 4.22 -17.50
C28 YP8 F . 7.52 4.23 -18.13
C1 YP8 F . 11.10 12.31 -18.70
C12 YP8 F . 10.44 8.22 -17.19
C14 YP8 F . 10.00 4.67 -18.24
C2 YP8 F . 10.20 12.25 -17.48
C29 YP8 F . 6.37 3.85 -17.44
C30 YP8 F . 6.47 3.46 -16.12
C31 YP8 F . 7.69 3.45 -15.49
C32 YP8 F . 8.82 3.83 -16.17
C4 YP8 F . 10.83 10.11 -16.43
C7 YP8 F . 11.84 6.90 -15.69
C9 YP8 F . 11.38 5.76 -16.42
N11 YP8 F . 10.04 7.10 -17.84
N13 YP8 F . 10.11 9.48 -17.40
N24 YP8 F . 15.80 9.36 -19.51
N25 YP8 F . 14.58 9.84 -19.15
N3 YP8 F . 10.71 11.47 -16.36
N5 YP8 F . 11.57 9.35 -15.63
N6 YP8 F . 11.29 8.11 -16.15
O8 YP8 F . 12.62 6.90 -14.74
CL20 YP8 F . 9.32 14.06 -19.75
#